data_4LZJ
#
_entry.id   4LZJ
#
_cell.length_a   76.492
_cell.length_b   113.335
_cell.length_c   143.917
_cell.angle_alpha   90.00
_cell.angle_beta   90.00
_cell.angle_gamma   90.00
#
_symmetry.space_group_name_H-M   'P 2 21 21'
#
loop_
_entity.id
_entity.type
_entity.pdbx_description
1 polymer 'N-acetylmuramic acid 6-phosphate etherase'
2 non-polymer 2-(acetylamino)-3-O-[(1R)-1-carboxyethyl]-2-deoxy-6-O-phosphono-D-glucitol
3 non-polymer 'PHOSPHATE ION'
4 water water
#
_entity_poly.entity_id   1
_entity_poly.type   'polypeptide(L)'
_entity_poly.pdbx_seq_one_letter_code
;MNDIILKSLSTLITEQRNPNSVDIDRQSTLEIVRLMNEEDKLVPLAIESCLPQISLAVEQIVQAFQQGGRLIYIGAGTSG
RLGVLDASECPPTFGVSTEMVKGIIAGGECAIRHPVEGAEDNTKAVLNDLQSIHFSKNDVLVGIAASGRTPYVIAGLQYA
KSLGALTISIASNPKSEMAEIADIAIETIVGPEILTGSSRLKSGTAQKMVLNMLTTASMILLGKCYENLMVDVQASNEKL
KARAVRIVMQATDCNKTLAEQTLLEADQNAKLAIMMILSTLSKSEAKVLLERHQGKLRNALSK
;
_entity_poly.pdbx_strand_id   A,B,C,D
#
loop_
_chem_comp.id
_chem_comp.type
_chem_comp.name
_chem_comp.formula
22H non-polymer 2-(acetylamino)-3-O-[(1R)-1-carboxyethyl]-2-deoxy-6-O-phosphono-D-glucitol 'C11 H22 N O11 P'
PO4 non-polymer 'PHOSPHATE ION' 'O4 P -3'
#
# COMPACT_ATOMS: atom_id res chain seq x y z
N THR A 11 26.32 -8.73 14.41
CA THR A 11 26.02 -9.49 13.19
C THR A 11 25.02 -8.74 12.28
N LEU A 12 24.58 -7.57 12.74
CA LEU A 12 23.64 -6.74 12.00
C LEU A 12 24.35 -5.98 10.88
N ILE A 13 23.66 -5.77 9.76
CA ILE A 13 24.21 -5.01 8.63
C ILE A 13 24.71 -3.62 9.03
N THR A 14 23.95 -2.94 9.88
CA THR A 14 24.32 -1.63 10.39
C THR A 14 25.66 -1.64 11.11
N GLU A 15 26.07 -2.82 11.60
CA GLU A 15 27.28 -2.89 12.40
C GLU A 15 28.46 -3.38 11.58
N GLN A 16 28.20 -3.83 10.36
CA GLN A 16 29.28 -4.41 9.54
C GLN A 16 30.27 -3.39 9.02
N ARG A 17 31.48 -3.87 8.72
CA ARG A 17 32.52 -3.05 8.11
C ARG A 17 32.31 -3.03 6.61
N ASN A 18 32.63 -1.91 5.98
CA ASN A 18 32.41 -1.70 4.57
C ASN A 18 33.75 -1.85 3.86
N PRO A 19 33.84 -2.85 2.98
CA PRO A 19 35.13 -3.17 2.36
C PRO A 19 35.67 -2.07 1.47
N ASN A 20 34.80 -1.17 0.99
CA ASN A 20 35.28 -0.06 0.17
C ASN A 20 35.84 1.09 0.96
N SER A 21 35.69 1.04 2.28
CA SER A 21 36.22 2.10 3.13
C SER A 21 37.38 1.64 4.01
N VAL A 22 37.87 0.43 3.79
CA VAL A 22 38.91 -0.13 4.67
C VAL A 22 40.20 0.73 4.73
N ASP A 23 40.48 1.48 3.67
CA ASP A 23 41.71 2.30 3.62
C ASP A 23 41.46 3.77 3.79
N ILE A 24 40.28 4.10 4.29
CA ILE A 24 39.85 5.48 4.46
C ILE A 24 40.80 6.28 5.39
N ASP A 25 41.43 5.57 6.32
CA ASP A 25 42.39 6.18 7.23
C ASP A 25 43.72 6.55 6.57
N ARG A 26 43.89 6.24 5.29
CA ARG A 26 45.12 6.60 4.58
C ARG A 26 44.85 7.17 3.18
N GLN A 27 43.61 7.55 2.90
CA GLN A 27 43.26 8.10 1.61
C GLN A 27 43.21 9.64 1.61
N SER A 28 43.19 10.22 0.42
CA SER A 28 43.17 11.67 0.30
C SER A 28 41.78 12.23 0.55
N THR A 29 41.72 13.51 0.84
CA THR A 29 40.45 14.20 1.09
C THR A 29 39.43 13.94 -0.02
N LEU A 30 39.86 14.07 -1.27
CA LEU A 30 38.97 13.82 -2.40
C LEU A 30 38.46 12.39 -2.47
N GLU A 31 39.32 11.42 -2.14
CA GLU A 31 38.94 10.02 -2.22
C GLU A 31 37.87 9.67 -1.19
N ILE A 32 38.02 10.24 0.00
CA ILE A 32 37.07 10.00 1.08
C ILE A 32 35.69 10.55 0.71
N VAL A 33 35.65 11.77 0.19
CA VAL A 33 34.35 12.35 -0.13
C VAL A 33 33.76 11.71 -1.38
N ARG A 34 34.62 11.27 -2.29
CA ARG A 34 34.17 10.54 -3.47
C ARG A 34 33.50 9.24 -3.03
N LEU A 35 34.15 8.54 -2.10
CA LEU A 35 33.63 7.28 -1.59
C LEU A 35 32.28 7.48 -0.93
N MET A 36 32.19 8.46 -0.04
CA MET A 36 30.93 8.81 0.61
C MET A 36 29.82 9.12 -0.39
N ASN A 37 30.12 9.98 -1.36
CA ASN A 37 29.19 10.32 -2.44
C ASN A 37 28.76 9.08 -3.22
N GLU A 38 29.69 8.15 -3.42
CA GLU A 38 29.41 6.90 -4.10
C GLU A 38 28.41 6.08 -3.30
N GLU A 39 28.64 5.97 -2.00
CA GLU A 39 27.73 5.23 -1.13
C GLU A 39 26.38 5.90 -1.08
N ASP A 40 26.38 7.23 -1.15
CA ASP A 40 25.13 7.98 -1.09
C ASP A 40 24.18 7.58 -2.21
N LYS A 41 24.73 7.22 -3.36
CA LYS A 41 23.92 6.84 -4.50
C LYS A 41 23.15 5.55 -4.21
N LEU A 42 23.60 4.81 -3.21
CA LEU A 42 22.91 3.58 -2.82
C LEU A 42 21.57 3.83 -2.12
N VAL A 43 21.47 4.98 -1.45
CA VAL A 43 20.31 5.25 -0.58
C VAL A 43 18.97 5.38 -1.36
N PRO A 44 18.90 6.28 -2.38
CA PRO A 44 17.64 6.33 -3.13
C PRO A 44 17.29 4.99 -3.77
N LEU A 45 18.28 4.18 -4.13
CA LEU A 45 18.00 2.84 -4.67
C LEU A 45 17.43 1.97 -3.59
N ALA A 46 18.00 2.07 -2.39
CA ALA A 46 17.48 1.34 -1.25
C ALA A 46 16.04 1.72 -0.93
N ILE A 47 15.67 2.98 -1.12
CA ILE A 47 14.30 3.41 -0.82
C ILE A 47 13.34 2.84 -1.87
N GLU A 48 13.84 2.73 -3.09
CA GLU A 48 13.02 2.25 -4.20
C GLU A 48 12.42 0.87 -3.90
N SER A 49 13.18 -0.02 -3.28
CA SER A 49 12.63 -1.31 -2.87
C SER A 49 11.46 -1.15 -1.91
N CYS A 50 11.46 -0.05 -1.17
CA CYS A 50 10.46 0.17 -0.13
C CYS A 50 9.19 0.90 -0.58
N LEU A 51 9.16 1.35 -1.83
CA LEU A 51 8.04 2.15 -2.30
C LEU A 51 6.65 1.56 -2.03
N PRO A 52 6.46 0.24 -2.23
CA PRO A 52 5.11 -0.24 -1.94
C PRO A 52 4.70 -0.11 -0.47
N GLN A 53 5.60 -0.43 0.46
CA GLN A 53 5.29 -0.29 1.88
C GLN A 53 5.05 1.18 2.27
N ILE A 54 5.86 2.07 1.70
CA ILE A 54 5.77 3.51 1.98
C ILE A 54 4.43 4.04 1.47
N SER A 55 4.09 3.61 0.27
CA SER A 55 2.80 3.94 -0.32
C SER A 55 1.63 3.49 0.55
N LEU A 56 1.69 2.25 1.02
CA LEU A 56 0.67 1.76 1.95
C LEU A 56 0.64 2.56 3.26
N ALA A 57 1.82 2.91 3.77
CA ALA A 57 1.93 3.74 4.97
C ALA A 57 1.21 5.07 4.81
N VAL A 58 1.53 5.79 3.73
CA VAL A 58 0.87 7.05 3.46
C VAL A 58 -0.67 6.94 3.43
N GLU A 59 -1.17 5.96 2.67
CA GLU A 59 -2.62 5.78 2.55
C GLU A 59 -3.25 5.55 3.90
N GLN A 60 -2.60 4.72 4.72
CA GLN A 60 -3.12 4.46 6.05
C GLN A 60 -3.02 5.71 6.92
N ILE A 61 -1.95 6.49 6.74
CA ILE A 61 -1.80 7.74 7.49
C ILE A 61 -2.91 8.71 7.10
N VAL A 62 -3.10 8.90 5.80
CA VAL A 62 -4.17 9.74 5.29
C VAL A 62 -5.50 9.32 5.88
N GLN A 63 -5.78 8.01 5.86
CA GLN A 63 -7.01 7.50 6.45
C GLN A 63 -7.12 7.87 7.92
N ALA A 64 -6.01 7.77 8.65
CA ALA A 64 -6.02 8.09 10.07
C ALA A 64 -6.21 9.58 10.30
N PHE A 65 -5.59 10.40 9.45
CA PHE A 65 -5.76 11.85 9.50
C PHE A 65 -7.25 12.21 9.38
N GLN A 66 -7.93 11.58 8.42
CA GLN A 66 -9.36 11.79 8.17
C GLN A 66 -10.25 11.40 9.37
N GLN A 67 -9.77 10.50 10.24
CA GLN A 67 -10.50 10.14 11.46
C GLN A 67 -10.04 10.90 12.71
N GLY A 68 -9.32 12.00 12.56
CA GLY A 68 -8.88 12.78 13.71
C GLY A 68 -7.62 12.34 14.46
N GLY A 69 -6.93 11.32 13.95
CA GLY A 69 -5.68 10.86 14.55
C GLY A 69 -4.47 11.68 14.13
N ARG A 70 -3.35 11.49 14.80
CA ARG A 70 -2.15 12.24 14.47
C ARG A 70 -1.05 11.30 13.98
N LEU A 71 -0.06 11.89 13.31
CA LEU A 71 1.15 11.19 12.89
C LEU A 71 2.18 11.44 13.98
N ILE A 72 2.57 10.37 14.66
CA ILE A 72 3.54 10.43 15.77
C ILE A 72 4.85 9.70 15.43
N TYR A 73 5.97 10.40 15.52
CA TYR A 73 7.29 9.82 15.30
C TYR A 73 7.98 9.61 16.64
N ILE A 74 8.61 8.47 16.84
CA ILE A 74 9.48 8.27 17.99
C ILE A 74 10.82 7.69 17.55
N GLY A 75 11.87 8.09 18.28
CA GLY A 75 13.21 7.55 18.09
C GLY A 75 14.17 8.13 19.10
N ALA A 76 15.38 7.59 19.14
CA ALA A 76 16.42 8.11 20.02
C ALA A 76 17.55 8.66 19.15
N GLY A 77 18.35 9.55 19.74
CA GLY A 77 19.48 10.12 19.03
C GLY A 77 19.10 10.68 17.67
N THR A 78 19.90 10.36 16.67
CA THR A 78 19.72 10.91 15.33
C THR A 78 18.33 10.64 14.74
N SER A 79 17.84 9.43 14.90
CA SER A 79 16.52 9.06 14.44
C SER A 79 15.44 9.96 15.06
N GLY A 80 15.51 10.18 16.37
CA GLY A 80 14.53 10.99 17.05
C GLY A 80 14.62 12.44 16.57
N ARG A 81 15.85 12.90 16.38
CA ARG A 81 16.09 14.23 15.85
C ARG A 81 15.52 14.37 14.44
N LEU A 82 15.65 13.33 13.63
CA LEU A 82 15.11 13.41 12.27
C LEU A 82 13.57 13.47 12.29
N GLY A 83 13.00 12.73 13.23
CA GLY A 83 11.55 12.76 13.44
C GLY A 83 11.08 14.15 13.81
N VAL A 84 11.82 14.81 14.70
CA VAL A 84 11.47 16.17 15.11
C VAL A 84 11.62 17.15 13.94
N LEU A 85 12.67 16.93 13.16
CA LEU A 85 12.99 17.81 12.03
C LEU A 85 11.86 17.77 11.02
N ASP A 86 11.42 16.55 10.68
CA ASP A 86 10.38 16.40 9.67
C ASP A 86 9.07 16.99 10.16
N ALA A 87 8.72 16.71 11.42
CA ALA A 87 7.47 17.21 11.98
C ALA A 87 7.47 18.73 12.12
N SER A 88 8.63 19.31 12.39
CA SER A 88 8.74 20.75 12.63
C SER A 88 8.16 21.56 11.47
N GLU A 89 8.35 21.03 10.26
CA GLU A 89 8.04 21.74 9.04
C GLU A 89 6.58 21.63 8.59
N CYS A 90 5.78 20.81 9.25
CA CYS A 90 4.40 20.61 8.82
C CYS A 90 3.48 21.83 8.99
N PRO A 91 3.44 22.46 10.19
CA PRO A 91 2.60 23.67 10.28
C PRO A 91 2.95 24.80 9.29
N PRO A 92 4.22 25.21 9.17
CA PRO A 92 4.48 26.27 8.20
C PRO A 92 4.29 25.89 6.73
N THR A 93 4.47 24.62 6.37
CA THR A 93 4.33 24.23 4.97
C THR A 93 2.87 23.92 4.59
N PHE A 94 2.17 23.20 5.48
CA PHE A 94 0.85 22.72 5.14
C PHE A 94 -0.26 23.37 5.94
N GLY A 95 0.10 24.27 6.85
CA GLY A 95 -0.88 25.05 7.59
C GLY A 95 -1.65 24.31 8.68
N VAL A 96 -1.17 23.13 9.05
CA VAL A 96 -1.83 22.30 10.04
C VAL A 96 -1.35 22.67 11.45
N SER A 97 -2.02 22.16 12.48
CA SER A 97 -1.63 22.47 13.87
C SER A 97 -0.38 21.70 14.24
N THR A 98 0.27 22.13 15.32
CA THR A 98 1.45 21.44 15.84
C THR A 98 1.10 20.04 16.33
N GLU A 99 -0.18 19.80 16.58
CA GLU A 99 -0.62 18.51 17.11
C GLU A 99 -0.67 17.41 16.06
N MET A 100 -0.76 17.82 14.80
CA MET A 100 -1.08 16.88 13.74
C MET A 100 0.05 15.90 13.44
N VAL A 101 1.27 16.42 13.40
CA VAL A 101 2.44 15.59 13.23
C VAL A 101 3.42 15.94 14.36
N LYS A 102 3.66 15.01 15.27
CA LYS A 102 4.50 15.27 16.43
C LYS A 102 5.74 14.37 16.45
N GLY A 103 6.92 14.98 16.62
CA GLY A 103 8.13 14.22 16.81
C GLY A 103 8.41 14.05 18.30
N ILE A 104 8.52 12.80 18.74
CA ILE A 104 8.93 12.50 20.12
C ILE A 104 10.34 11.90 20.12
N ILE A 105 11.21 12.44 20.96
CA ILE A 105 12.56 11.91 21.07
C ILE A 105 12.85 11.43 22.48
N ALA A 106 13.47 10.25 22.58
CA ALA A 106 13.99 9.68 23.81
C ALA A 106 14.85 10.68 24.60
N GLY A 107 14.41 10.99 25.82
CA GLY A 107 15.14 11.92 26.68
C GLY A 107 14.58 13.34 26.69
N GLY A 108 13.52 13.56 25.91
CA GLY A 108 12.84 14.84 25.89
C GLY A 108 13.54 15.96 25.15
N GLU A 109 13.11 17.19 25.44
CA GLU A 109 13.49 18.40 24.69
C GLU A 109 14.99 18.61 24.50
N CYS A 110 15.77 18.35 25.54
CA CYS A 110 17.22 18.58 25.49
C CYS A 110 17.93 17.55 24.62
N ALA A 111 17.30 16.40 24.42
CA ALA A 111 17.91 15.35 23.63
C ALA A 111 18.04 15.75 22.16
N ILE A 112 17.41 16.86 21.79
CA ILE A 112 17.53 17.36 20.43
C ILE A 112 18.97 17.78 20.10
N ARG A 113 19.70 18.27 21.10
CA ARG A 113 21.10 18.65 20.92
C ARG A 113 22.04 17.82 21.78
N HIS A 114 21.52 17.30 22.88
CA HIS A 114 22.38 16.77 23.94
C HIS A 114 22.15 15.28 24.15
N PRO A 115 23.15 14.58 24.70
CA PRO A 115 22.93 13.17 24.99
C PRO A 115 22.04 13.00 26.22
N VAL A 116 21.44 11.83 26.37
CA VAL A 116 20.73 11.49 27.59
C VAL A 116 21.03 10.03 27.84
N GLU A 117 21.98 9.79 28.74
CA GLU A 117 22.41 8.47 29.12
C GLU A 117 21.20 7.58 29.33
N GLY A 118 21.21 6.43 28.64
CA GLY A 118 20.18 5.43 28.81
C GLY A 118 18.85 5.74 28.15
N ALA A 119 18.75 6.88 27.47
CA ALA A 119 17.48 7.28 26.88
C ALA A 119 16.95 6.20 25.94
N GLU A 120 17.82 5.64 25.10
CA GLU A 120 17.45 4.62 24.13
C GLU A 120 17.08 3.28 24.76
N ASP A 121 17.50 3.05 26.00
CA ASP A 121 17.21 1.79 26.67
C ASP A 121 16.06 1.88 27.68
N ASN A 122 15.53 3.08 27.86
CA ASN A 122 14.46 3.32 28.83
C ASN A 122 13.06 3.02 28.30
N THR A 123 12.61 1.78 28.50
CA THR A 123 11.30 1.30 28.07
C THR A 123 10.18 1.81 28.96
N LYS A 124 10.54 2.42 30.08
CA LYS A 124 9.55 3.00 30.97
C LYS A 124 9.18 4.42 30.51
N ALA A 125 10.16 5.15 30.01
CA ALA A 125 9.98 6.54 29.62
C ALA A 125 9.09 6.68 28.37
N VAL A 126 9.18 5.72 27.45
CA VAL A 126 8.42 5.81 26.21
C VAL A 126 6.93 5.67 26.55
N LEU A 127 6.64 4.91 27.59
CA LEU A 127 5.27 4.77 28.07
C LEU A 127 4.75 6.14 28.55
N ASN A 128 5.53 6.79 29.39
CA ASN A 128 5.20 8.13 29.85
C ASN A 128 5.11 9.14 28.72
N ASP A 129 6.07 9.11 27.80
CA ASP A 129 6.10 10.04 26.68
C ASP A 129 4.84 9.95 25.78
N LEU A 130 4.34 8.73 25.59
CA LEU A 130 3.19 8.52 24.72
C LEU A 130 1.90 8.80 25.46
N GLN A 131 1.90 8.57 26.76
CA GLN A 131 0.69 8.76 27.56
C GLN A 131 0.43 10.22 27.78
N SER A 132 1.50 10.98 27.93
CA SER A 132 1.37 12.41 28.20
C SER A 132 0.92 13.19 26.98
N ILE A 133 0.84 12.52 25.82
CA ILE A 133 0.26 13.13 24.64
C ILE A 133 -1.01 12.39 24.30
N HIS A 134 -1.48 11.60 25.26
CA HIS A 134 -2.71 10.82 25.10
C HIS A 134 -2.72 10.03 23.79
N PHE A 135 -1.61 9.35 23.48
CA PHE A 135 -1.59 8.48 22.32
C PHE A 135 -2.80 7.54 22.32
N SER A 136 -3.46 7.42 21.17
CA SER A 136 -4.67 6.61 21.11
C SER A 136 -4.73 5.71 19.88
N LYS A 137 -5.74 4.85 19.87
CA LYS A 137 -6.03 3.92 18.79
C LYS A 137 -6.13 4.60 17.42
N ASN A 138 -6.56 5.86 17.39
CA ASN A 138 -6.69 6.61 16.15
C ASN A 138 -5.41 7.20 15.60
N ASP A 139 -4.39 7.32 16.46
CA ASP A 139 -3.08 7.83 16.07
C ASP A 139 -2.26 6.77 15.31
N VAL A 140 -1.24 7.22 14.59
CA VAL A 140 -0.30 6.35 13.91
C VAL A 140 1.07 6.55 14.49
N LEU A 141 1.73 5.46 14.86
CA LEU A 141 3.07 5.53 15.45
C LEU A 141 4.12 4.99 14.47
N VAL A 142 5.10 5.83 14.16
CA VAL A 142 6.24 5.43 13.37
C VAL A 142 7.45 5.30 14.30
N GLY A 143 8.00 4.08 14.41
CA GLY A 143 9.22 3.86 15.17
C GLY A 143 10.43 3.89 14.27
N ILE A 144 11.43 4.69 14.63
CA ILE A 144 12.58 4.93 13.77
C ILE A 144 13.86 4.56 14.47
N ALA A 145 14.56 3.56 13.97
CA ALA A 145 15.86 3.15 14.53
C ALA A 145 16.62 2.34 13.50
N ALA A 146 17.76 2.83 13.06
CA ALA A 146 18.54 2.13 12.04
C ALA A 146 18.78 0.65 12.41
N SER A 147 19.03 0.39 13.70
CA SER A 147 19.33 -0.95 14.20
C SER A 147 18.14 -1.93 14.19
N GLY A 148 16.93 -1.40 14.34
CA GLY A 148 15.77 -2.26 14.34
C GLY A 148 15.51 -2.91 15.69
N ARG A 149 16.30 -2.55 16.70
CA ARG A 149 16.20 -3.14 18.04
C ARG A 149 16.32 -2.16 19.23
N THR A 150 16.35 -0.86 18.96
CA THR A 150 16.35 0.14 20.02
C THR A 150 15.16 -0.07 20.97
N PRO A 151 15.43 -0.44 22.24
CA PRO A 151 14.36 -0.86 23.17
C PRO A 151 13.29 0.22 23.40
N TYR A 152 13.73 1.46 23.45
CA TYR A 152 12.81 2.58 23.62
C TYR A 152 11.76 2.55 22.52
N VAL A 153 12.20 2.32 21.28
CA VAL A 153 11.29 2.26 20.14
C VAL A 153 10.45 0.97 20.17
N ILE A 154 11.08 -0.14 20.53
CA ILE A 154 10.38 -1.40 20.65
C ILE A 154 9.22 -1.32 21.61
N ALA A 155 9.49 -0.82 22.82
CA ALA A 155 8.43 -0.69 23.82
C ALA A 155 7.33 0.26 23.33
N GLY A 156 7.73 1.32 22.64
CA GLY A 156 6.76 2.27 22.08
C GLY A 156 5.82 1.59 21.09
N LEU A 157 6.41 0.84 20.17
CA LEU A 157 5.64 0.11 19.18
C LEU A 157 4.70 -0.87 19.86
N GLN A 158 5.20 -1.59 20.86
CA GLN A 158 4.41 -2.57 21.61
C GLN A 158 3.18 -1.95 22.26
N TYR A 159 3.36 -0.80 22.89
CA TYR A 159 2.26 -0.08 23.52
C TYR A 159 1.22 0.36 22.49
N ALA A 160 1.68 0.80 21.33
CA ALA A 160 0.78 1.30 20.29
C ALA A 160 -0.05 0.15 19.74
N LYS A 161 0.62 -0.96 19.47
CA LYS A 161 -0.05 -2.17 19.00
C LYS A 161 -1.08 -2.66 20.01
N SER A 162 -0.76 -2.58 21.29
CA SER A 162 -1.68 -3.02 22.33
C SER A 162 -2.99 -2.20 22.35
N LEU A 163 -2.92 -0.96 21.90
CA LEU A 163 -4.09 -0.09 21.82
C LEU A 163 -4.87 -0.24 20.52
N GLY A 164 -4.35 -1.05 19.60
CA GLY A 164 -4.99 -1.22 18.30
C GLY A 164 -4.63 -0.14 17.30
N ALA A 165 -3.60 0.64 17.61
CA ALA A 165 -3.11 1.67 16.71
C ALA A 165 -2.22 1.09 15.61
N LEU A 166 -2.27 1.72 14.44
CA LEU A 166 -1.37 1.36 13.36
C LEU A 166 0.10 1.67 13.72
N THR A 167 0.98 0.72 13.45
CA THR A 167 2.40 0.87 13.79
C THR A 167 3.26 0.69 12.54
N ILE A 168 4.16 1.63 12.33
CA ILE A 168 5.12 1.60 11.25
C ILE A 168 6.53 1.59 11.82
N SER A 169 7.38 0.70 11.31
CA SER A 169 8.77 0.68 11.69
C SER A 169 9.66 1.04 10.52
N ILE A 170 10.68 1.84 10.79
CA ILE A 170 11.69 2.15 9.78
C ILE A 170 13.02 1.73 10.34
N ALA A 171 13.65 0.75 9.70
CA ALA A 171 14.94 0.25 10.17
C ALA A 171 15.79 -0.16 8.97
N SER A 172 17.06 -0.43 9.21
CA SER A 172 18.01 -0.68 8.13
C SER A 172 18.57 -2.10 8.16
N ASN A 173 18.10 -2.90 9.12
CA ASN A 173 18.44 -4.32 9.16
C ASN A 173 17.20 -5.13 8.82
N PRO A 174 17.36 -6.18 8.01
CA PRO A 174 16.20 -7.00 7.62
C PRO A 174 15.69 -7.84 8.80
N LYS A 175 14.37 -8.06 8.82
CA LYS A 175 13.75 -8.93 9.82
C LYS A 175 14.03 -8.49 11.26
N SER A 176 13.97 -7.20 11.52
CA SER A 176 14.23 -6.70 12.87
C SER A 176 13.08 -7.05 13.82
N GLU A 177 13.28 -6.80 15.11
CA GLU A 177 12.23 -7.00 16.10
C GLU A 177 11.14 -5.95 15.93
N MET A 178 11.56 -4.74 15.60
CA MET A 178 10.65 -3.64 15.28
C MET A 178 9.74 -4.00 14.09
N ALA A 179 10.34 -4.60 13.06
CA ALA A 179 9.58 -5.02 11.89
C ALA A 179 8.55 -6.07 12.25
N GLU A 180 8.95 -7.01 13.11
CA GLU A 180 8.08 -8.09 13.56
C GLU A 180 6.83 -7.57 14.27
N ILE A 181 7.03 -6.57 15.14
CA ILE A 181 5.94 -5.98 15.91
C ILE A 181 5.02 -5.13 15.04
N ALA A 182 5.62 -4.32 14.17
CA ALA A 182 4.88 -3.31 13.42
C ALA A 182 3.98 -3.88 12.29
N ASP A 183 2.86 -3.20 12.06
CA ASP A 183 1.96 -3.55 10.97
C ASP A 183 2.64 -3.36 9.63
N ILE A 184 3.44 -2.29 9.50
CA ILE A 184 4.16 -2.05 8.27
C ILE A 184 5.65 -1.90 8.53
N ALA A 185 6.45 -2.68 7.82
CA ALA A 185 7.88 -2.69 8.01
C ALA A 185 8.57 -2.05 6.82
N ILE A 186 9.09 -0.85 7.02
CA ILE A 186 9.93 -0.22 6.03
C ILE A 186 11.39 -0.56 6.35
N GLU A 187 12.06 -1.21 5.41
CA GLU A 187 13.41 -1.70 5.62
C GLU A 187 14.36 -1.13 4.58
N THR A 188 15.08 -0.10 4.99
CA THR A 188 15.97 0.63 4.12
C THR A 188 17.36 0.00 4.21
N ILE A 189 17.61 -0.98 3.35
CA ILE A 189 18.88 -1.70 3.39
C ILE A 189 19.91 -0.90 2.62
N VAL A 190 20.64 -0.06 3.35
CA VAL A 190 21.57 0.88 2.72
C VAL A 190 23.01 0.36 2.66
N GLY A 191 23.23 -0.81 3.28
CA GLY A 191 24.56 -1.41 3.33
C GLY A 191 25.45 -0.84 4.43
N PRO A 192 26.56 -1.53 4.71
CA PRO A 192 27.47 -1.11 5.79
C PRO A 192 27.93 0.33 5.60
N GLU A 193 27.96 1.08 6.68
CA GLU A 193 28.36 2.49 6.62
C GLU A 193 29.86 2.65 6.39
N ILE A 194 30.22 3.73 5.72
CA ILE A 194 31.60 4.15 5.45
C ILE A 194 32.49 4.16 6.69
N LEU A 195 31.98 4.75 7.76
CA LEU A 195 32.64 4.66 9.06
C LEU A 195 31.82 3.62 9.77
N THR A 196 32.42 2.49 10.14
CA THR A 196 31.68 1.37 10.73
C THR A 196 30.75 1.77 11.87
N GLY A 197 29.45 1.53 11.70
CA GLY A 197 28.48 1.79 12.76
C GLY A 197 27.92 3.21 12.79
N SER A 198 28.35 4.04 11.86
CA SER A 198 27.91 5.43 11.84
C SER A 198 26.53 5.56 11.13
N SER A 199 25.47 5.11 11.81
CA SER A 199 24.12 5.06 11.25
C SER A 199 23.58 6.44 10.87
N ARG A 200 24.18 7.49 11.44
CA ARG A 200 23.82 8.87 11.12
C ARG A 200 24.02 9.20 9.64
N LEU A 201 24.88 8.43 8.97
CA LEU A 201 25.23 8.67 7.57
C LEU A 201 24.13 8.18 6.60
N LYS A 202 24.32 7.04 5.95
CA LYS A 202 23.30 6.52 5.01
C LYS A 202 21.93 6.23 5.65
N SER A 203 21.91 5.55 6.79
CA SER A 203 20.65 5.26 7.48
C SER A 203 19.90 6.54 7.87
N GLY A 204 20.64 7.56 8.31
CA GLY A 204 20.03 8.82 8.63
C GLY A 204 19.48 9.46 7.37
N THR A 205 20.23 9.38 6.29
CA THR A 205 19.78 9.94 5.02
C THR A 205 18.51 9.24 4.53
N ALA A 206 18.48 7.91 4.64
CA ALA A 206 17.32 7.15 4.20
C ALA A 206 16.10 7.51 5.02
N GLN A 207 16.31 7.60 6.33
CA GLN A 207 15.23 7.93 7.23
C GLN A 207 14.63 9.29 6.90
N LYS A 208 15.48 10.26 6.58
CA LYS A 208 14.98 11.57 6.17
C LYS A 208 14.15 11.47 4.89
N MET A 209 14.66 10.71 3.91
CA MET A 209 13.90 10.50 2.68
C MET A 209 12.54 9.90 2.93
N VAL A 210 12.48 8.87 3.78
CA VAL A 210 11.23 8.19 4.04
C VAL A 210 10.23 9.08 4.77
N LEU A 211 10.68 9.71 5.87
CA LEU A 211 9.85 10.64 6.63
C LEU A 211 9.36 11.77 5.73
N ASN A 212 10.23 12.31 4.89
CA ASN A 212 9.83 13.36 3.95
C ASN A 212 8.66 12.90 3.10
N MET A 213 8.70 11.63 2.69
CA MET A 213 7.60 11.09 1.89
C MET A 213 6.31 10.93 2.70
N LEU A 214 6.43 10.43 3.93
CA LEU A 214 5.25 10.16 4.74
C LEU A 214 4.45 11.43 4.99
N THR A 215 5.13 12.55 5.21
CA THR A 215 4.43 13.79 5.46
C THR A 215 4.03 14.50 4.18
N THR A 216 4.97 14.67 3.25
CA THR A 216 4.66 15.37 2.02
C THR A 216 3.51 14.70 1.26
N ALA A 217 3.66 13.42 0.95
CA ALA A 217 2.64 12.70 0.20
C ALA A 217 1.28 12.71 0.91
N SER A 218 1.25 12.47 2.21
CA SER A 218 -0.04 12.43 2.91
C SER A 218 -0.73 13.78 2.92
N MET A 219 0.05 14.85 3.08
CA MET A 219 -0.51 16.20 3.07
C MET A 219 -0.96 16.59 1.67
N ILE A 220 -0.23 16.17 0.65
CA ILE A 220 -0.67 16.47 -0.69
C ILE A 220 -2.04 15.84 -0.90
N LEU A 221 -2.17 14.58 -0.46
CA LEU A 221 -3.44 13.87 -0.62
C LEU A 221 -4.58 14.45 0.22
N LEU A 222 -4.27 15.08 1.35
CA LEU A 222 -5.31 15.74 2.14
C LEU A 222 -5.68 17.12 1.56
N GLY A 223 -5.10 17.48 0.42
CA GLY A 223 -5.35 18.77 -0.19
C GLY A 223 -4.56 19.96 0.38
N LYS A 224 -3.42 19.68 1.02
CA LYS A 224 -2.61 20.77 1.59
C LYS A 224 -1.72 21.41 0.54
N CYS A 225 -2.15 21.30 -0.72
CA CYS A 225 -1.49 21.99 -1.81
C CYS A 225 -2.47 22.08 -2.98
N TYR A 226 -2.08 22.77 -4.04
CA TYR A 226 -2.87 22.89 -5.25
C TYR A 226 -1.94 22.94 -6.47
N GLU A 227 -2.17 22.02 -7.42
CA GLU A 227 -1.16 21.68 -8.40
C GLU A 227 0.14 21.31 -7.65
N ASN A 228 1.21 22.08 -7.84
CA ASN A 228 2.43 21.88 -7.08
C ASN A 228 2.81 23.12 -6.29
N LEU A 229 1.78 23.83 -5.86
CA LEU A 229 1.95 25.10 -5.21
C LEU A 229 1.64 24.93 -3.73
N MET A 230 2.43 25.60 -2.89
CA MET A 230 2.33 25.46 -1.45
C MET A 230 1.23 26.36 -0.87
N VAL A 231 -0.02 26.14 -1.29
CA VAL A 231 -1.12 27.09 -1.01
C VAL A 231 -1.43 27.28 0.47
N ASP A 232 -0.92 26.38 1.31
CA ASP A 232 -1.18 26.47 2.75
C ASP A 232 0.00 27.00 3.56
N VAL A 233 0.98 27.59 2.87
CA VAL A 233 2.16 28.12 3.52
C VAL A 233 1.81 29.23 4.53
N GLN A 234 2.47 29.19 5.69
CA GLN A 234 2.34 30.23 6.71
C GLN A 234 3.49 31.22 6.54
N ALA A 235 3.17 32.42 6.10
CA ALA A 235 4.19 33.39 5.70
C ALA A 235 4.80 34.13 6.89
N SER A 236 5.87 33.57 7.43
CA SER A 236 6.46 34.09 8.66
C SER A 236 7.76 34.84 8.40
N ASN A 237 8.04 35.14 7.14
CA ASN A 237 9.24 35.89 6.77
C ASN A 237 9.11 36.45 5.36
N GLU A 238 10.09 37.22 4.94
CA GLU A 238 10.03 37.91 3.65
C GLU A 238 9.95 36.99 2.43
N LYS A 239 10.77 35.94 2.41
CA LYS A 239 10.72 34.95 1.33
C LYS A 239 9.33 34.36 1.23
N LEU A 240 8.79 33.93 2.37
CA LEU A 240 7.50 33.25 2.37
C LEU A 240 6.33 34.17 2.03
N LYS A 241 6.38 35.42 2.50
CA LYS A 241 5.35 36.40 2.19
C LYS A 241 5.32 36.65 0.69
N ALA A 242 6.50 36.70 0.09
CA ALA A 242 6.64 36.90 -1.34
C ALA A 242 6.24 35.63 -2.10
N ARG A 243 6.38 34.48 -1.48
CA ARG A 243 6.03 33.26 -2.15
C ARG A 243 4.50 33.10 -2.18
N ALA A 244 3.84 33.54 -1.12
CA ALA A 244 2.38 33.47 -1.07
C ALA A 244 1.75 34.30 -2.19
N VAL A 245 2.19 35.55 -2.31
CA VAL A 245 1.76 36.40 -3.41
C VAL A 245 2.02 35.74 -4.76
N ARG A 246 3.19 35.13 -4.88
CA ARG A 246 3.61 34.47 -6.11
C ARG A 246 2.67 33.31 -6.41
N ILE A 247 2.34 32.56 -5.36
CA ILE A 247 1.48 31.39 -5.47
C ILE A 247 0.08 31.76 -5.95
N VAL A 248 -0.45 32.85 -5.42
CA VAL A 248 -1.77 33.35 -5.84
C VAL A 248 -1.76 33.74 -7.31
N MET A 249 -0.76 34.52 -7.72
CA MET A 249 -0.56 34.85 -9.13
C MET A 249 -0.39 33.60 -10.02
N GLN A 250 0.36 32.62 -9.55
CA GLN A 250 0.57 31.42 -10.36
C GLN A 250 -0.72 30.66 -10.61
N ALA A 251 -1.55 30.55 -9.58
CA ALA A 251 -2.78 29.78 -9.67
C ALA A 251 -3.90 30.54 -10.39
N THR A 252 -3.89 31.86 -10.36
CA THR A 252 -5.01 32.64 -10.89
C THR A 252 -4.70 33.48 -12.13
N ASP A 253 -3.41 33.68 -12.43
CA ASP A 253 -2.97 34.58 -13.49
C ASP A 253 -3.32 36.04 -13.24
N CYS A 254 -3.69 36.39 -12.01
CA CYS A 254 -3.97 37.78 -11.65
C CYS A 254 -2.68 38.58 -11.40
N ASN A 255 -2.79 39.88 -11.13
CA ASN A 255 -1.59 40.66 -10.81
C ASN A 255 -1.23 40.76 -9.33
N LYS A 256 -0.06 41.34 -9.08
CA LYS A 256 0.49 41.49 -7.74
C LYS A 256 -0.45 42.30 -6.83
N THR A 257 -1.04 43.37 -7.37
CA THR A 257 -1.95 44.20 -6.60
C THR A 257 -3.16 43.40 -6.13
N LEU A 258 -3.80 42.69 -7.05
CA LEU A 258 -4.95 41.87 -6.70
C LEU A 258 -4.59 40.73 -5.74
N ALA A 259 -3.42 40.11 -5.94
CA ALA A 259 -2.96 39.02 -5.07
C ALA A 259 -2.73 39.49 -3.63
N GLU A 260 -2.03 40.61 -3.46
CA GLU A 260 -1.84 41.17 -2.12
C GLU A 260 -3.16 41.55 -1.48
N GLN A 261 -4.03 42.23 -2.25
CA GLN A 261 -5.32 42.67 -1.72
C GLN A 261 -6.16 41.52 -1.21
N THR A 262 -6.33 40.49 -2.04
CA THR A 262 -7.09 39.30 -1.67
C THR A 262 -6.46 38.57 -0.49
N LEU A 263 -5.13 38.44 -0.50
CA LEU A 263 -4.40 37.76 0.58
C LEU A 263 -4.69 38.45 1.90
N LEU A 264 -4.60 39.78 1.89
CA LEU A 264 -4.93 40.58 3.05
C LEU A 264 -6.34 40.24 3.54
N GLU A 265 -7.30 40.23 2.60
N GLU A 265 -7.30 40.23 2.62
CA GLU A 265 -8.70 39.95 2.92
CA GLU A 265 -8.69 39.96 2.98
C GLU A 265 -8.91 38.51 3.38
C GLU A 265 -8.90 38.52 3.40
N ALA A 266 -8.04 37.62 2.92
CA ALA A 266 -8.15 36.20 3.25
C ALA A 266 -7.26 35.81 4.43
N ASP A 267 -6.78 36.81 5.17
CA ASP A 267 -5.91 36.62 6.33
C ASP A 267 -4.62 35.87 6.00
N GLN A 268 -4.00 36.23 4.88
CA GLN A 268 -2.75 35.63 4.42
C GLN A 268 -2.87 34.13 4.07
N ASN A 269 -4.10 33.67 3.84
CA ASN A 269 -4.36 32.29 3.45
C ASN A 269 -4.48 32.20 1.94
N ALA A 270 -3.42 31.70 1.30
CA ALA A 270 -3.33 31.70 -0.15
C ALA A 270 -4.37 30.79 -0.79
N LYS A 271 -4.62 29.63 -0.16
CA LYS A 271 -5.67 28.77 -0.65
C LYS A 271 -7.03 29.49 -0.64
N LEU A 272 -7.36 30.18 0.45
CA LEU A 272 -8.62 30.90 0.50
C LEU A 272 -8.65 31.99 -0.58
N ALA A 273 -7.56 32.76 -0.66
CA ALA A 273 -7.41 33.79 -1.67
C ALA A 273 -7.64 33.27 -3.09
N ILE A 274 -7.04 32.11 -3.41
CA ILE A 274 -7.22 31.53 -4.73
C ILE A 274 -8.67 31.15 -4.94
N MET A 275 -9.29 30.58 -3.91
CA MET A 275 -10.70 30.22 -3.96
C MET A 275 -11.56 31.45 -4.22
N MET A 276 -11.24 32.55 -3.55
CA MET A 276 -11.99 33.79 -3.71
C MET A 276 -11.90 34.33 -5.13
N ILE A 277 -10.68 34.38 -5.66
CA ILE A 277 -10.43 34.92 -6.99
C ILE A 277 -11.01 34.04 -8.12
N LEU A 278 -10.78 32.73 -8.05
CA LEU A 278 -11.27 31.89 -9.13
C LEU A 278 -12.78 31.57 -9.04
N SER A 279 -13.45 32.07 -8.01
CA SER A 279 -14.89 31.85 -7.82
C SER A 279 -15.73 33.13 -7.74
N THR A 280 -15.07 34.28 -7.72
CA THR A 280 -15.69 35.58 -7.44
C THR A 280 -16.57 35.61 -6.20
N LEU A 281 -16.48 34.58 -5.36
CA LEU A 281 -17.27 34.50 -4.15
C LEU A 281 -16.70 35.40 -3.08
N SER A 282 -17.52 35.75 -2.09
CA SER A 282 -17.04 36.49 -0.93
C SER A 282 -16.21 35.59 -0.04
N LYS A 283 -15.45 36.20 0.84
CA LYS A 283 -14.63 35.49 1.79
C LYS A 283 -15.42 34.41 2.55
N SER A 284 -16.54 34.80 3.16
CA SER A 284 -17.31 33.87 3.97
C SER A 284 -17.83 32.68 3.15
N GLU A 285 -18.22 32.93 1.91
CA GLU A 285 -18.77 31.87 1.08
C GLU A 285 -17.68 30.96 0.56
N ALA A 286 -16.52 31.55 0.25
CA ALA A 286 -15.35 30.78 -0.14
C ALA A 286 -14.89 29.88 1.00
N LYS A 287 -14.88 30.42 2.22
CA LYS A 287 -14.63 29.62 3.42
C LYS A 287 -15.61 28.45 3.52
N VAL A 288 -16.90 28.75 3.36
CA VAL A 288 -17.93 27.73 3.41
C VAL A 288 -17.69 26.62 2.39
N LEU A 289 -17.42 26.97 1.14
CA LEU A 289 -17.25 25.94 0.10
C LEU A 289 -16.00 25.11 0.31
N LEU A 290 -14.93 25.75 0.77
CA LEU A 290 -13.69 25.03 1.04
C LEU A 290 -13.86 23.98 2.14
N GLU A 291 -14.45 24.41 3.26
CA GLU A 291 -14.77 23.54 4.40
C GLU A 291 -15.55 22.31 3.93
N ARG A 292 -16.54 22.55 3.08
CA ARG A 292 -17.45 21.52 2.60
C ARG A 292 -16.75 20.51 1.70
N HIS A 293 -15.59 20.89 1.18
CA HIS A 293 -14.76 19.98 0.40
C HIS A 293 -13.44 19.62 1.09
N GLN A 294 -13.40 19.75 2.42
CA GLN A 294 -12.22 19.40 3.23
C GLN A 294 -10.93 20.11 2.81
N GLY A 295 -11.05 21.36 2.38
CA GLY A 295 -9.91 22.17 2.03
C GLY A 295 -9.28 21.76 0.70
N LYS A 296 -9.95 20.86 -0.02
CA LYS A 296 -9.46 20.44 -1.34
C LYS A 296 -9.89 21.42 -2.42
N LEU A 297 -9.01 22.37 -2.71
CA LEU A 297 -9.31 23.47 -3.59
C LEU A 297 -9.80 22.98 -4.95
N ARG A 298 -9.20 21.92 -5.47
CA ARG A 298 -9.59 21.44 -6.78
C ARG A 298 -11.08 21.04 -6.77
N ASN A 299 -11.47 20.21 -5.81
CA ASN A 299 -12.88 19.85 -5.65
C ASN A 299 -13.80 21.05 -5.39
N ALA A 300 -13.30 22.03 -4.66
CA ALA A 300 -14.11 23.19 -4.32
C ALA A 300 -14.39 24.10 -5.54
N LEU A 301 -13.59 23.92 -6.58
CA LEU A 301 -13.69 24.74 -7.78
C LEU A 301 -14.33 23.94 -8.88
N SER A 302 -14.13 22.62 -8.83
CA SER A 302 -14.71 21.69 -9.78
C SER A 302 -16.23 21.72 -9.66
N LYS A 303 -16.70 21.67 -8.42
CA LYS A 303 -18.13 21.77 -8.12
C LYS A 303 -18.62 23.19 -8.35
N ASP B 3 -1.97 -41.98 4.18
CA ASP B 3 -1.62 -40.86 3.31
C ASP B 3 -1.20 -39.61 4.10
N ILE B 4 -0.19 -38.91 3.59
CA ILE B 4 0.35 -37.70 4.23
C ILE B 4 -0.58 -36.49 3.99
N ILE B 5 -1.46 -36.63 3.01
CA ILE B 5 -2.46 -35.63 2.66
C ILE B 5 -3.65 -35.66 3.64
N LEU B 6 -3.82 -36.82 4.31
CA LEU B 6 -4.92 -37.02 5.27
C LEU B 6 -4.73 -36.21 6.56
N LYS B 7 -3.52 -36.26 7.11
CA LYS B 7 -3.20 -35.56 8.35
C LYS B 7 -3.26 -34.04 8.20
N SER B 8 -2.76 -33.56 7.06
CA SER B 8 -2.75 -32.12 6.78
C SER B 8 -4.15 -31.50 6.75
N LEU B 9 -5.13 -32.29 6.28
CA LEU B 9 -6.53 -31.84 6.23
C LEU B 9 -7.07 -31.40 7.60
N SER B 10 -6.77 -32.17 8.65
CA SER B 10 -7.24 -31.84 10.00
C SER B 10 -6.83 -30.43 10.48
N THR B 11 -5.62 -30.01 10.10
CA THR B 11 -5.04 -28.74 10.55
C THR B 11 -5.53 -27.48 9.83
N LEU B 12 -6.39 -27.67 8.81
CA LEU B 12 -6.86 -26.55 8.02
C LEU B 12 -8.26 -26.11 8.46
N ILE B 13 -8.45 -24.79 8.62
CA ILE B 13 -9.76 -24.26 8.95
C ILE B 13 -10.81 -24.72 7.93
N THR B 14 -10.43 -24.67 6.66
CA THR B 14 -11.31 -25.09 5.57
C THR B 14 -11.90 -26.50 5.73
N GLU B 15 -11.20 -27.38 6.45
CA GLU B 15 -11.68 -28.77 6.59
C GLU B 15 -12.28 -29.06 7.96
N GLN B 16 -12.46 -28.03 8.77
CA GLN B 16 -12.98 -28.21 10.12
C GLN B 16 -14.51 -28.08 10.20
N ARG B 17 -15.08 -28.61 11.28
CA ARG B 17 -16.54 -28.66 11.38
C ARG B 17 -17.10 -27.42 12.06
N ASN B 18 -18.20 -26.92 11.52
CA ASN B 18 -18.82 -25.75 12.11
C ASN B 18 -19.81 -26.24 13.16
N PRO B 19 -19.57 -25.86 14.43
CA PRO B 19 -20.42 -26.31 15.55
C PRO B 19 -21.89 -25.93 15.33
N ASN B 20 -22.11 -24.79 14.68
CA ASN B 20 -23.45 -24.27 14.56
C ASN B 20 -24.28 -25.00 13.53
N SER B 21 -23.66 -25.92 12.80
CA SER B 21 -24.38 -26.61 11.72
C SER B 21 -24.40 -28.11 11.94
N VAL B 22 -24.13 -28.53 13.17
CA VAL B 22 -24.06 -29.95 13.51
C VAL B 22 -25.41 -30.68 13.38
N ASP B 23 -26.51 -29.93 13.44
CA ASP B 23 -27.85 -30.50 13.33
C ASP B 23 -28.49 -30.31 11.96
N ILE B 24 -27.71 -29.83 11.00
CA ILE B 24 -28.30 -29.27 9.79
C ILE B 24 -29.17 -30.24 9.01
N ASP B 25 -28.88 -31.54 9.12
CA ASP B 25 -29.70 -32.55 8.47
C ASP B 25 -30.99 -32.87 9.23
N ARG B 26 -31.26 -32.11 10.31
CA ARG B 26 -32.49 -32.24 11.08
C ARG B 26 -33.11 -30.88 11.24
N GLN B 27 -32.75 -29.96 10.36
CA GLN B 27 -33.33 -28.64 10.51
C GLN B 27 -34.29 -28.31 9.37
N SER B 28 -35.23 -27.41 9.65
CA SER B 28 -36.20 -26.96 8.66
C SER B 28 -35.57 -26.02 7.65
N THR B 29 -36.29 -25.83 6.54
CA THR B 29 -35.87 -24.98 5.45
C THR B 29 -35.42 -23.61 5.92
N LEU B 30 -36.19 -23.04 6.84
CA LEU B 30 -35.97 -21.67 7.29
C LEU B 30 -34.75 -21.58 8.22
N GLU B 31 -34.52 -22.62 9.01
CA GLU B 31 -33.36 -22.69 9.89
C GLU B 31 -32.09 -22.71 9.07
N ILE B 32 -32.08 -23.59 8.07
CA ILE B 32 -30.90 -23.83 7.25
C ILE B 32 -30.47 -22.55 6.53
N VAL B 33 -31.40 -21.90 5.84
CA VAL B 33 -31.07 -20.68 5.13
C VAL B 33 -30.73 -19.53 6.08
N ARG B 34 -31.34 -19.51 7.26
CA ARG B 34 -31.01 -18.51 8.26
C ARG B 34 -29.57 -18.72 8.73
N LEU B 35 -29.18 -19.96 8.88
CA LEU B 35 -27.81 -20.26 9.30
C LEU B 35 -26.79 -19.82 8.23
N MET B 36 -27.05 -20.16 6.97
CA MET B 36 -26.15 -19.76 5.89
C MET B 36 -26.04 -18.24 5.81
N ASN B 37 -27.16 -17.54 6.00
CA ASN B 37 -27.15 -16.09 5.97
C ASN B 37 -26.30 -15.53 7.09
N GLU B 38 -26.45 -16.09 8.28
CA GLU B 38 -25.68 -15.64 9.43
C GLU B 38 -24.19 -15.86 9.18
N GLU B 39 -23.86 -17.00 8.57
CA GLU B 39 -22.46 -17.31 8.25
C GLU B 39 -21.96 -16.34 7.19
N ASP B 40 -22.83 -16.01 6.22
CA ASP B 40 -22.47 -15.09 5.16
C ASP B 40 -22.06 -13.70 5.70
N LYS B 41 -22.63 -13.28 6.83
CA LYS B 41 -22.28 -11.97 7.40
C LYS B 41 -20.81 -11.93 7.86
N LEU B 42 -20.25 -13.09 8.12
CA LEU B 42 -18.85 -13.19 8.50
C LEU B 42 -17.85 -12.86 7.39
N VAL B 43 -18.28 -12.91 6.13
CA VAL B 43 -17.32 -12.83 5.03
C VAL B 43 -16.78 -11.43 4.75
N PRO B 44 -17.66 -10.40 4.68
CA PRO B 44 -17.17 -9.01 4.59
C PRO B 44 -16.23 -8.59 5.73
N LEU B 45 -16.46 -9.07 6.96
CA LEU B 45 -15.56 -8.71 8.07
C LEU B 45 -14.20 -9.39 7.92
N ALA B 46 -14.20 -10.59 7.33
CA ALA B 46 -12.94 -11.30 7.10
C ALA B 46 -12.13 -10.55 6.06
N ILE B 47 -12.82 -10.03 5.03
CA ILE B 47 -12.14 -9.32 3.96
C ILE B 47 -11.58 -8.00 4.49
N GLU B 48 -12.27 -7.44 5.49
CA GLU B 48 -11.86 -6.18 6.10
C GLU B 48 -10.44 -6.23 6.67
N SER B 49 -10.08 -7.34 7.31
CA SER B 49 -8.71 -7.54 7.80
C SER B 49 -7.67 -7.55 6.67
N CYS B 50 -8.09 -7.91 5.46
CA CYS B 50 -7.17 -8.12 4.34
C CYS B 50 -6.92 -6.88 3.50
N LEU B 51 -7.70 -5.81 3.73
CA LEU B 51 -7.61 -4.59 2.93
C LEU B 51 -6.20 -4.08 2.63
N PRO B 52 -5.31 -4.02 3.64
CA PRO B 52 -3.97 -3.56 3.29
C PRO B 52 -3.27 -4.47 2.28
N GLN B 53 -3.33 -5.80 2.47
CA GLN B 53 -2.72 -6.73 1.51
C GLN B 53 -3.32 -6.58 0.12
N ILE B 54 -4.65 -6.48 0.07
CA ILE B 54 -5.39 -6.33 -1.17
C ILE B 54 -4.94 -5.06 -1.90
N SER B 55 -4.75 -4.00 -1.12
CA SER B 55 -4.32 -2.70 -1.60
C SER B 55 -2.94 -2.79 -2.23
N LEU B 56 -2.05 -3.51 -1.54
CA LEU B 56 -0.74 -3.78 -2.06
C LEU B 56 -0.84 -4.53 -3.38
N ALA B 57 -1.72 -5.51 -3.45
CA ALA B 57 -1.88 -6.31 -4.65
C ALA B 57 -2.34 -5.45 -5.83
N VAL B 58 -3.32 -4.57 -5.58
CA VAL B 58 -3.87 -3.74 -6.64
C VAL B 58 -2.77 -2.87 -7.27
N GLU B 59 -2.02 -2.18 -6.41
CA GLU B 59 -0.93 -1.32 -6.84
C GLU B 59 0.08 -2.10 -7.68
N GLN B 60 0.50 -3.26 -7.20
CA GLN B 60 1.36 -4.13 -8.02
C GLN B 60 0.78 -4.48 -9.39
N ILE B 61 -0.52 -4.75 -9.42
CA ILE B 61 -1.23 -5.10 -10.65
C ILE B 61 -1.28 -3.91 -11.63
N VAL B 62 -1.64 -2.73 -11.14
CA VAL B 62 -1.64 -1.53 -11.97
C VAL B 62 -0.27 -1.32 -12.65
N GLN B 63 0.80 -1.62 -11.93
CA GLN B 63 2.15 -1.46 -12.45
C GLN B 63 2.50 -2.49 -13.53
N ALA B 64 2.11 -3.73 -13.30
CA ALA B 64 2.24 -4.76 -14.31
C ALA B 64 1.51 -4.31 -15.59
N PHE B 65 0.28 -3.81 -15.43
CA PHE B 65 -0.50 -3.32 -16.56
C PHE B 65 0.27 -2.25 -17.34
N GLN B 66 0.90 -1.34 -16.60
CA GLN B 66 1.61 -0.24 -17.23
C GLN B 66 2.89 -0.69 -17.92
N GLN B 67 3.44 -1.82 -17.46
CA GLN B 67 4.61 -2.39 -18.12
C GLN B 67 4.22 -3.41 -19.21
N GLY B 68 2.96 -3.38 -19.64
CA GLY B 68 2.45 -4.28 -20.66
C GLY B 68 2.23 -5.71 -20.18
N GLY B 69 2.14 -5.89 -18.87
CA GLY B 69 1.90 -7.21 -18.32
C GLY B 69 0.42 -7.50 -18.14
N ARG B 70 0.10 -8.78 -17.92
CA ARG B 70 -1.29 -9.20 -17.72
C ARG B 70 -1.53 -9.66 -16.29
N LEU B 71 -2.80 -9.56 -15.87
CA LEU B 71 -3.25 -10.17 -14.63
C LEU B 71 -3.78 -11.58 -14.91
N ILE B 72 -3.04 -12.59 -14.43
CA ILE B 72 -3.41 -13.99 -14.64
C ILE B 72 -3.94 -14.67 -13.37
N TYR B 73 -5.19 -15.14 -13.44
CA TYR B 73 -5.76 -15.97 -12.38
C TYR B 73 -5.57 -17.45 -12.69
N ILE B 74 -5.16 -18.23 -11.68
CA ILE B 74 -5.19 -19.69 -11.77
C ILE B 74 -5.88 -20.28 -10.55
N GLY B 75 -6.66 -21.32 -10.77
CA GLY B 75 -7.26 -22.06 -9.68
C GLY B 75 -7.86 -23.33 -10.21
N ALA B 76 -8.30 -24.21 -9.33
CA ALA B 76 -9.06 -25.40 -9.73
C ALA B 76 -10.45 -25.33 -9.14
N GLY B 77 -11.36 -26.15 -9.65
CA GLY B 77 -12.71 -26.21 -9.14
C GLY B 77 -13.39 -24.85 -9.10
N THR B 78 -14.09 -24.57 -8.01
CA THR B 78 -14.79 -23.29 -7.86
C THR B 78 -13.83 -22.09 -7.91
N SER B 79 -12.66 -22.23 -7.30
CA SER B 79 -11.66 -21.16 -7.33
C SER B 79 -11.33 -20.77 -8.76
N GLY B 80 -10.95 -21.77 -9.56
CA GLY B 80 -10.65 -21.55 -10.96
C GLY B 80 -11.82 -20.91 -11.71
N ARG B 81 -13.01 -21.43 -11.47
CA ARG B 81 -14.18 -20.90 -12.14
C ARG B 81 -14.44 -19.45 -11.74
N LEU B 82 -14.12 -19.10 -10.50
CA LEU B 82 -14.32 -17.72 -10.06
C LEU B 82 -13.30 -16.80 -10.70
N GLY B 83 -12.07 -17.29 -10.91
CA GLY B 83 -11.09 -16.57 -11.70
C GLY B 83 -11.63 -16.28 -13.10
N VAL B 84 -12.06 -17.32 -13.81
CA VAL B 84 -12.68 -17.17 -15.13
C VAL B 84 -13.88 -16.22 -15.14
N LEU B 85 -14.81 -16.41 -14.21
CA LEU B 85 -15.93 -15.49 -14.05
C LEU B 85 -15.48 -14.02 -13.85
N ASP B 86 -14.50 -13.78 -12.98
CA ASP B 86 -14.10 -12.40 -12.76
C ASP B 86 -13.41 -11.75 -13.96
N ALA B 87 -12.67 -12.55 -14.73
CA ALA B 87 -11.96 -12.07 -15.90
C ALA B 87 -12.93 -11.84 -17.04
N SER B 88 -14.05 -12.55 -17.01
CA SER B 88 -14.98 -12.56 -18.13
C SER B 88 -15.60 -11.18 -18.36
N GLU B 89 -15.70 -10.40 -17.29
CA GLU B 89 -16.44 -9.14 -17.38
C GLU B 89 -15.56 -7.93 -17.63
N CYS B 90 -14.24 -8.11 -17.69
CA CYS B 90 -13.35 -6.97 -17.88
C CYS B 90 -13.43 -6.28 -19.25
N PRO B 91 -13.38 -7.07 -20.36
CA PRO B 91 -13.60 -6.37 -21.63
C PRO B 91 -14.92 -5.57 -21.73
N PRO B 92 -16.08 -6.14 -21.33
CA PRO B 92 -17.29 -5.31 -21.44
C PRO B 92 -17.42 -4.17 -20.41
N THR B 93 -16.83 -4.32 -19.23
CA THR B 93 -16.94 -3.30 -18.18
C THR B 93 -15.97 -2.14 -18.40
N PHE B 94 -14.73 -2.47 -18.78
CA PHE B 94 -13.67 -1.47 -18.87
C PHE B 94 -13.07 -1.30 -20.27
N GLY B 95 -13.57 -2.05 -21.24
CA GLY B 95 -13.17 -1.89 -22.63
C GLY B 95 -11.72 -2.26 -22.92
N VAL B 96 -11.19 -3.22 -22.18
CA VAL B 96 -9.82 -3.67 -22.33
C VAL B 96 -9.72 -4.90 -23.25
N SER B 97 -8.50 -5.21 -23.67
CA SER B 97 -8.20 -6.44 -24.40
C SER B 97 -8.70 -7.67 -23.61
N THR B 98 -9.03 -8.76 -24.32
CA THR B 98 -9.33 -10.02 -23.65
C THR B 98 -8.05 -10.64 -23.09
N GLU B 99 -6.91 -10.05 -23.44
CA GLU B 99 -5.61 -10.51 -22.98
C GLU B 99 -5.25 -9.91 -21.64
N MET B 100 -5.89 -8.80 -21.26
CA MET B 100 -5.45 -8.05 -20.08
C MET B 100 -5.71 -8.74 -18.72
N VAL B 101 -6.88 -9.33 -18.56
CA VAL B 101 -7.15 -10.17 -17.40
C VAL B 101 -7.58 -11.53 -17.90
N LYS B 102 -6.88 -12.58 -17.46
CA LYS B 102 -7.20 -13.93 -17.92
C LYS B 102 -7.33 -14.90 -16.74
N GLY B 103 -8.35 -15.74 -16.79
CA GLY B 103 -8.50 -16.79 -15.80
C GLY B 103 -8.07 -18.11 -16.39
N ILE B 104 -7.28 -18.87 -15.65
CA ILE B 104 -6.90 -20.20 -16.08
C ILE B 104 -7.41 -21.19 -15.04
N ILE B 105 -8.02 -22.28 -15.49
CA ILE B 105 -8.50 -23.31 -14.58
C ILE B 105 -7.83 -24.66 -14.83
N ALA B 106 -7.43 -25.32 -13.75
CA ALA B 106 -6.89 -26.67 -13.84
C ALA B 106 -7.85 -27.58 -14.63
N GLY B 107 -7.31 -28.19 -15.69
CA GLY B 107 -8.08 -29.06 -16.56
C GLY B 107 -8.72 -28.36 -17.75
N GLY B 108 -8.36 -27.11 -17.98
CA GLY B 108 -8.82 -26.37 -19.14
C GLY B 108 -10.32 -26.25 -19.28
N GLU B 109 -10.76 -26.00 -20.51
CA GLU B 109 -12.17 -25.86 -20.88
C GLU B 109 -13.04 -26.97 -20.33
N CYS B 110 -12.51 -28.18 -20.31
CA CYS B 110 -13.24 -29.34 -19.78
C CYS B 110 -13.70 -29.13 -18.33
N ALA B 111 -13.01 -28.27 -17.59
CA ALA B 111 -13.29 -28.12 -16.16
C ALA B 111 -14.16 -26.91 -15.82
N ILE B 112 -14.59 -26.20 -16.85
CA ILE B 112 -15.40 -25.00 -16.67
C ILE B 112 -16.82 -25.30 -16.14
N ARG B 113 -17.37 -26.43 -16.59
CA ARG B 113 -18.74 -26.82 -16.24
C ARG B 113 -18.79 -27.94 -15.22
N HIS B 114 -17.83 -28.85 -15.30
CA HIS B 114 -17.80 -30.00 -14.42
C HIS B 114 -16.39 -30.21 -13.94
N PRO B 115 -16.21 -30.89 -12.80
CA PRO B 115 -14.83 -31.22 -12.41
C PRO B 115 -14.16 -32.16 -13.39
N VAL B 116 -12.85 -32.13 -13.40
CA VAL B 116 -12.02 -33.04 -14.18
C VAL B 116 -11.10 -33.75 -13.20
N GLU B 117 -11.22 -35.08 -13.15
CA GLU B 117 -10.55 -35.88 -12.13
C GLU B 117 -9.02 -35.70 -12.08
N GLY B 118 -8.53 -35.31 -10.91
CA GLY B 118 -7.11 -35.15 -10.66
C GLY B 118 -6.52 -33.87 -11.22
N ALA B 119 -7.35 -33.01 -11.78
CA ALA B 119 -6.85 -31.80 -12.44
C ALA B 119 -6.02 -30.96 -11.48
N GLU B 120 -6.52 -30.82 -10.25
CA GLU B 120 -5.85 -29.98 -9.25
C GLU B 120 -4.60 -30.63 -8.65
N ASP B 121 -4.40 -31.90 -8.97
CA ASP B 121 -3.23 -32.63 -8.49
C ASP B 121 -2.09 -32.61 -9.50
N ASN B 122 -2.33 -32.06 -10.67
CA ASN B 122 -1.38 -32.15 -11.77
C ASN B 122 -0.38 -30.98 -11.82
N THR B 123 0.78 -31.17 -11.20
CA THR B 123 1.81 -30.13 -11.11
C THR B 123 2.58 -29.94 -12.42
N LYS B 124 2.36 -30.85 -13.35
CA LYS B 124 3.06 -30.77 -14.61
C LYS B 124 2.23 -29.91 -15.55
N ALA B 125 0.92 -30.17 -15.58
CA ALA B 125 0.00 -29.50 -16.49
C ALA B 125 -0.01 -27.97 -16.38
N VAL B 126 0.15 -27.44 -15.16
CA VAL B 126 0.15 -26.01 -14.94
C VAL B 126 1.32 -25.32 -15.67
N LEU B 127 2.45 -26.02 -15.78
CA LEU B 127 3.55 -25.50 -16.60
C LEU B 127 3.13 -25.32 -18.06
N ASN B 128 2.50 -26.35 -18.63
CA ASN B 128 1.98 -26.28 -19.99
C ASN B 128 0.98 -25.16 -20.14
N ASP B 129 0.11 -25.03 -19.13
CA ASP B 129 -0.93 -23.99 -19.13
C ASP B 129 -0.36 -22.58 -19.07
N LEU B 130 0.63 -22.35 -18.22
CA LEU B 130 1.23 -21.02 -18.18
C LEU B 130 2.11 -20.76 -19.42
N GLN B 131 2.78 -21.78 -19.92
CA GLN B 131 3.61 -21.60 -21.11
C GLN B 131 2.73 -21.42 -22.35
N SER B 132 1.58 -22.08 -22.37
CA SER B 132 0.68 -21.94 -23.49
C SER B 132 0.27 -20.48 -23.72
N ILE B 133 0.24 -19.67 -22.65
CA ILE B 133 -0.09 -18.25 -22.79
C ILE B 133 1.12 -17.35 -22.70
N HIS B 134 2.30 -17.94 -22.78
CA HIS B 134 3.57 -17.20 -22.74
C HIS B 134 3.66 -16.36 -21.46
N PHE B 135 3.40 -17.00 -20.32
CA PHE B 135 3.48 -16.28 -19.05
C PHE B 135 4.92 -15.81 -18.85
N SER B 136 5.08 -14.53 -18.52
CA SER B 136 6.37 -13.87 -18.47
C SER B 136 6.57 -13.08 -17.17
N LYS B 137 7.79 -12.57 -16.96
CA LYS B 137 8.14 -11.87 -15.73
C LYS B 137 7.35 -10.57 -15.54
N ASN B 138 6.76 -10.07 -16.61
CA ASN B 138 5.96 -8.86 -16.50
C ASN B 138 4.47 -9.09 -16.14
N ASP B 139 4.06 -10.37 -16.06
CA ASP B 139 2.69 -10.71 -15.71
C ASP B 139 2.56 -10.90 -14.21
N VAL B 140 1.37 -10.64 -13.67
CA VAL B 140 1.06 -10.99 -12.29
C VAL B 140 0.31 -12.32 -12.26
N LEU B 141 0.76 -13.23 -11.39
CA LEU B 141 0.04 -14.47 -11.19
C LEU B 141 -0.68 -14.48 -9.84
N VAL B 142 -2.01 -14.56 -9.88
CA VAL B 142 -2.83 -14.73 -8.68
C VAL B 142 -3.26 -16.18 -8.55
N GLY B 143 -2.74 -16.87 -7.55
CA GLY B 143 -3.19 -18.20 -7.24
C GLY B 143 -4.37 -18.19 -6.29
N ILE B 144 -5.48 -18.80 -6.72
CA ILE B 144 -6.68 -18.83 -5.90
C ILE B 144 -6.96 -20.25 -5.45
N ALA B 145 -6.94 -20.48 -4.13
CA ALA B 145 -7.22 -21.80 -3.55
C ALA B 145 -7.59 -21.65 -2.08
N ALA B 146 -8.83 -21.97 -1.74
CA ALA B 146 -9.28 -21.86 -0.36
C ALA B 146 -8.33 -22.60 0.59
N SER B 147 -7.89 -23.80 0.19
CA SER B 147 -7.05 -24.67 1.04
C SER B 147 -5.66 -24.09 1.24
N GLY B 148 -5.20 -23.29 0.29
CA GLY B 148 -3.84 -22.77 0.34
C GLY B 148 -2.77 -23.81 0.03
N ARG B 149 -3.16 -25.01 -0.37
CA ARG B 149 -2.18 -26.07 -0.68
C ARG B 149 -2.50 -26.91 -1.94
N THR B 150 -3.37 -26.39 -2.79
CA THR B 150 -3.70 -27.04 -4.05
C THR B 150 -2.45 -27.11 -4.95
N PRO B 151 -1.96 -28.34 -5.21
CA PRO B 151 -0.67 -28.61 -5.90
C PRO B 151 -0.53 -27.91 -7.28
N TYR B 152 -1.62 -27.89 -8.04
CA TYR B 152 -1.64 -27.20 -9.33
C TYR B 152 -1.31 -25.73 -9.14
N VAL B 153 -1.92 -25.10 -8.13
CA VAL B 153 -1.71 -23.68 -7.90
C VAL B 153 -0.32 -23.43 -7.34
N ILE B 154 0.07 -24.23 -6.34
CA ILE B 154 1.42 -24.15 -5.78
C ILE B 154 2.51 -24.22 -6.85
N ALA B 155 2.38 -25.22 -7.74
CA ALA B 155 3.33 -25.39 -8.83
C ALA B 155 3.30 -24.19 -9.78
N GLY B 156 2.10 -23.67 -10.03
CA GLY B 156 1.96 -22.48 -10.85
C GLY B 156 2.71 -21.29 -10.25
N LEU B 157 2.55 -21.11 -8.94
CA LEU B 157 3.21 -20.02 -8.23
C LEU B 157 4.74 -20.17 -8.20
N GLN B 158 5.23 -21.40 -7.99
CA GLN B 158 6.68 -21.66 -8.02
C GLN B 158 7.25 -21.30 -9.39
N TYR B 159 6.57 -21.74 -10.44
CA TYR B 159 6.96 -21.40 -11.79
C TYR B 159 7.07 -19.89 -12.01
N ALA B 160 6.01 -19.16 -11.67
CA ALA B 160 6.03 -17.69 -11.77
C ALA B 160 7.17 -17.09 -10.98
N LYS B 161 7.36 -17.57 -9.74
CA LYS B 161 8.47 -17.09 -8.93
C LYS B 161 9.79 -17.31 -9.66
N SER B 162 9.94 -18.47 -10.27
CA SER B 162 11.19 -18.78 -10.98
C SER B 162 11.45 -17.89 -12.20
N LEU B 163 10.44 -17.15 -12.65
CA LEU B 163 10.61 -16.23 -13.76
C LEU B 163 10.79 -14.78 -13.30
N GLY B 164 10.67 -14.54 -11.99
CA GLY B 164 10.72 -13.18 -11.47
C GLY B 164 9.40 -12.45 -11.50
N ALA B 165 8.31 -13.17 -11.78
CA ALA B 165 6.97 -12.57 -11.80
C ALA B 165 6.42 -12.28 -10.41
N LEU B 166 5.64 -11.21 -10.29
CA LEU B 166 5.00 -10.92 -9.03
C LEU B 166 3.91 -11.94 -8.75
N THR B 167 3.99 -12.61 -7.61
CA THR B 167 2.99 -13.61 -7.26
C THR B 167 2.11 -13.17 -6.11
N ILE B 168 0.84 -13.50 -6.22
CA ILE B 168 -0.15 -13.19 -5.18
C ILE B 168 -0.93 -14.46 -4.88
N SER B 169 -1.15 -14.72 -3.60
CA SER B 169 -1.88 -15.88 -3.17
C SER B 169 -3.15 -15.46 -2.45
N ILE B 170 -4.24 -16.17 -2.73
CA ILE B 170 -5.50 -15.95 -2.02
C ILE B 170 -5.99 -17.26 -1.44
N ALA B 171 -6.11 -17.32 -0.11
CA ALA B 171 -6.46 -18.58 0.57
C ALA B 171 -7.19 -18.35 1.88
N SER B 172 -7.80 -19.40 2.41
CA SER B 172 -8.68 -19.27 3.59
C SER B 172 -8.10 -19.94 4.85
N ASN B 173 -6.89 -20.49 4.73
CA ASN B 173 -6.15 -21.02 5.86
C ASN B 173 -4.87 -20.20 6.03
N PRO B 174 -4.53 -19.87 7.28
CA PRO B 174 -3.33 -19.07 7.52
C PRO B 174 -2.02 -19.85 7.34
N LYS B 175 -0.93 -19.14 7.09
CA LYS B 175 0.41 -19.75 6.98
C LYS B 175 0.50 -20.90 5.98
N SER B 176 -0.21 -20.78 4.85
CA SER B 176 -0.27 -21.85 3.86
C SER B 176 0.99 -21.89 3.02
N GLU B 177 1.21 -23.02 2.35
CA GLU B 177 2.36 -23.13 1.46
C GLU B 177 2.28 -22.09 0.33
N MET B 178 1.09 -21.79 -0.15
CA MET B 178 0.94 -20.72 -1.14
C MET B 178 1.42 -19.36 -0.64
N ALA B 179 1.01 -18.98 0.57
CA ALA B 179 1.39 -17.70 1.16
C ALA B 179 2.90 -17.60 1.29
N GLU B 180 3.52 -18.71 1.64
CA GLU B 180 4.96 -18.79 1.74
C GLU B 180 5.66 -18.44 0.44
N ILE B 181 5.19 -19.01 -0.66
CA ILE B 181 5.78 -18.80 -1.96
C ILE B 181 5.49 -17.41 -2.55
N ALA B 182 4.27 -16.93 -2.35
CA ALA B 182 3.81 -15.69 -2.98
C ALA B 182 4.43 -14.43 -2.36
N ASP B 183 4.66 -13.43 -3.19
CA ASP B 183 5.18 -12.14 -2.71
C ASP B 183 4.16 -11.45 -1.80
N ILE B 184 2.89 -11.57 -2.17
CA ILE B 184 1.79 -10.97 -1.44
C ILE B 184 0.75 -12.03 -1.12
N ALA B 185 0.38 -12.14 0.15
CA ALA B 185 -0.53 -13.19 0.57
C ALA B 185 -1.79 -12.59 1.18
N ILE B 186 -2.92 -12.91 0.58
CA ILE B 186 -4.21 -12.47 1.08
C ILE B 186 -4.90 -13.66 1.73
N GLU B 187 -5.35 -13.46 2.96
CA GLU B 187 -5.82 -14.56 3.80
C GLU B 187 -7.20 -14.23 4.37
N THR B 188 -8.22 -14.72 3.68
CA THR B 188 -9.60 -14.52 4.04
C THR B 188 -10.07 -15.64 4.98
N ILE B 189 -9.94 -15.39 6.28
CA ILE B 189 -10.30 -16.37 7.30
C ILE B 189 -11.81 -16.35 7.59
N VAL B 190 -12.56 -17.20 6.90
CA VAL B 190 -14.03 -17.12 6.92
C VAL B 190 -14.63 -18.09 7.93
N GLY B 191 -13.77 -18.91 8.53
CA GLY B 191 -14.22 -19.91 9.47
C GLY B 191 -14.74 -21.14 8.75
N PRO B 192 -15.05 -22.19 9.51
CA PRO B 192 -15.53 -23.46 8.93
C PRO B 192 -16.87 -23.30 8.21
N GLU B 193 -17.04 -24.00 7.09
CA GLU B 193 -18.24 -23.87 6.28
C GLU B 193 -19.34 -24.66 6.98
N ILE B 194 -20.60 -24.39 6.64
CA ILE B 194 -21.70 -25.07 7.32
C ILE B 194 -21.75 -26.53 6.92
N LEU B 195 -21.36 -26.80 5.68
CA LEU B 195 -21.17 -28.17 5.22
C LEU B 195 -19.65 -28.29 5.16
N THR B 196 -19.10 -29.26 5.87
CA THR B 196 -17.67 -29.29 6.12
C THR B 196 -16.87 -29.47 4.85
N GLY B 197 -15.93 -28.54 4.62
CA GLY B 197 -15.11 -28.57 3.42
C GLY B 197 -15.80 -28.11 2.15
N SER B 198 -16.99 -27.51 2.26
CA SER B 198 -17.67 -26.98 1.09
C SER B 198 -17.17 -25.55 0.87
N SER B 199 -15.98 -25.44 0.28
CA SER B 199 -15.30 -24.14 0.18
C SER B 199 -15.92 -23.25 -0.88
N ARG B 200 -16.81 -23.82 -1.67
CA ARG B 200 -17.56 -23.08 -2.66
C ARG B 200 -18.47 -22.05 -2.03
N LEU B 201 -18.72 -22.15 -0.73
CA LEU B 201 -19.68 -21.29 -0.06
C LEU B 201 -19.02 -20.00 0.40
N LYS B 202 -18.59 -19.96 1.66
CA LYS B 202 -18.03 -18.74 2.21
C LYS B 202 -16.71 -18.36 1.55
N SER B 203 -15.83 -19.34 1.38
CA SER B 203 -14.56 -19.09 0.74
C SER B 203 -14.78 -18.69 -0.70
N GLY B 204 -15.80 -19.28 -1.31
CA GLY B 204 -16.19 -18.91 -2.66
C GLY B 204 -16.61 -17.44 -2.68
N THR B 205 -17.45 -17.06 -1.72
CA THR B 205 -17.87 -15.67 -1.62
C THR B 205 -16.70 -14.72 -1.36
N ALA B 206 -15.80 -15.09 -0.47
CA ALA B 206 -14.64 -14.25 -0.17
C ALA B 206 -13.80 -14.06 -1.41
N GLN B 207 -13.59 -15.14 -2.15
CA GLN B 207 -12.81 -15.08 -3.38
C GLN B 207 -13.42 -14.12 -4.40
N LYS B 208 -14.74 -14.21 -4.61
CA LYS B 208 -15.39 -13.32 -5.55
C LYS B 208 -15.20 -11.87 -5.12
N MET B 209 -15.30 -11.61 -3.82
CA MET B 209 -15.17 -10.25 -3.33
C MET B 209 -13.78 -9.67 -3.58
N VAL B 210 -12.76 -10.47 -3.32
CA VAL B 210 -11.39 -10.05 -3.47
C VAL B 210 -11.02 -9.87 -4.94
N LEU B 211 -11.39 -10.84 -5.78
CA LEU B 211 -11.16 -10.72 -7.22
C LEU B 211 -11.88 -9.49 -7.78
N ASN B 212 -13.14 -9.28 -7.39
CA ASN B 212 -13.85 -8.07 -7.78
C ASN B 212 -13.08 -6.82 -7.38
N MET B 213 -12.40 -6.86 -6.24
CA MET B 213 -11.61 -5.68 -5.85
C MET B 213 -10.39 -5.51 -6.75
N LEU B 214 -9.70 -6.62 -6.98
CA LEU B 214 -8.47 -6.60 -7.75
C LEU B 214 -8.67 -6.04 -9.15
N THR B 215 -9.78 -6.38 -9.79
CA THR B 215 -10.03 -5.88 -11.13
C THR B 215 -10.67 -4.50 -11.08
N THR B 216 -11.71 -4.34 -10.28
CA THR B 216 -12.40 -3.06 -10.19
C THR B 216 -11.45 -1.93 -9.73
N ALA B 217 -10.77 -2.11 -8.60
CA ALA B 217 -9.81 -1.09 -8.17
C ALA B 217 -8.67 -0.84 -9.19
N SER B 218 -8.06 -1.89 -9.74
CA SER B 218 -7.05 -1.75 -10.82
C SER B 218 -7.51 -0.93 -12.00
N MET B 219 -8.70 -1.24 -12.48
CA MET B 219 -9.18 -0.61 -13.69
C MET B 219 -9.52 0.84 -13.41
N ILE B 220 -10.07 1.09 -12.22
CA ILE B 220 -10.42 2.45 -11.82
C ILE B 220 -9.16 3.32 -11.79
N LEU B 221 -8.11 2.81 -11.16
CA LEU B 221 -6.83 3.53 -11.10
C LEU B 221 -6.27 3.78 -12.51
N LEU B 222 -6.52 2.87 -13.44
CA LEU B 222 -6.08 3.04 -14.82
C LEU B 222 -6.98 3.97 -15.64
N GLY B 223 -7.88 4.68 -14.97
CA GLY B 223 -8.82 5.57 -15.63
C GLY B 223 -9.76 4.87 -16.59
N LYS B 224 -10.32 3.75 -16.17
CA LYS B 224 -11.36 3.08 -16.95
C LYS B 224 -12.73 3.58 -16.50
N CYS B 225 -12.74 4.71 -15.79
CA CYS B 225 -13.98 5.38 -15.40
C CYS B 225 -13.79 6.88 -15.20
N TYR B 226 -14.89 7.61 -15.29
CA TYR B 226 -14.93 9.04 -15.00
C TYR B 226 -15.96 9.26 -13.88
N GLU B 227 -15.49 9.79 -12.75
CA GLU B 227 -16.26 9.80 -11.50
C GLU B 227 -16.68 8.35 -11.14
N ASN B 228 -17.98 8.06 -11.08
CA ASN B 228 -18.43 6.67 -10.89
C ASN B 228 -19.20 6.12 -12.10
N LEU B 229 -18.95 6.71 -13.26
CA LEU B 229 -19.57 6.31 -14.51
C LEU B 229 -18.68 5.34 -15.27
N MET B 230 -19.30 4.27 -15.75
CA MET B 230 -18.61 3.22 -16.49
C MET B 230 -18.35 3.69 -17.93
N VAL B 231 -17.50 4.71 -18.08
CA VAL B 231 -17.29 5.39 -19.37
C VAL B 231 -16.59 4.56 -20.46
N ASP B 232 -16.01 3.43 -20.07
CA ASP B 232 -15.37 2.54 -21.03
C ASP B 232 -16.20 1.27 -21.29
N VAL B 233 -17.51 1.36 -21.11
CA VAL B 233 -18.41 0.24 -21.36
C VAL B 233 -18.55 -0.07 -22.86
N GLN B 234 -18.61 -1.36 -23.21
CA GLN B 234 -18.81 -1.81 -24.58
C GLN B 234 -20.28 -2.09 -24.84
N ALA B 235 -20.87 -1.36 -25.77
CA ALA B 235 -22.31 -1.44 -26.05
C ALA B 235 -22.68 -2.68 -26.87
N SER B 236 -22.88 -3.80 -26.18
CA SER B 236 -23.20 -5.08 -26.82
C SER B 236 -24.72 -5.33 -26.93
N ASN B 237 -25.43 -5.19 -25.82
CA ASN B 237 -26.90 -5.31 -25.81
C ASN B 237 -27.59 -3.95 -25.66
N GLU B 238 -28.93 -3.96 -25.65
CA GLU B 238 -29.70 -2.71 -25.64
C GLU B 238 -29.58 -1.91 -24.35
N LYS B 239 -29.29 -2.60 -23.25
CA LYS B 239 -29.06 -1.92 -21.96
C LYS B 239 -27.72 -1.18 -21.94
N LEU B 240 -26.66 -1.84 -22.42
CA LEU B 240 -25.33 -1.23 -22.47
C LEU B 240 -25.24 -0.13 -23.53
N LYS B 241 -26.11 -0.22 -24.55
CA LYS B 241 -26.26 0.83 -25.55
C LYS B 241 -26.99 2.02 -24.93
N ALA B 242 -28.04 1.73 -24.16
CA ALA B 242 -28.81 2.75 -23.43
C ALA B 242 -28.00 3.39 -22.31
N ARG B 243 -27.23 2.57 -21.59
CA ARG B 243 -26.40 3.06 -20.50
C ARG B 243 -25.28 3.97 -21.03
N ALA B 244 -24.79 3.69 -22.24
CA ALA B 244 -23.70 4.47 -22.83
C ALA B 244 -24.09 5.93 -23.17
N VAL B 245 -25.28 6.09 -23.75
CA VAL B 245 -25.86 7.40 -24.02
C VAL B 245 -26.12 8.13 -22.70
N ARG B 246 -26.66 7.39 -21.74
CA ARG B 246 -26.94 7.86 -20.39
C ARG B 246 -25.68 8.35 -19.66
N ILE B 247 -24.55 7.66 -19.88
CA ILE B 247 -23.27 8.07 -19.29
C ILE B 247 -22.83 9.41 -19.84
N VAL B 248 -22.97 9.59 -21.15
CA VAL B 248 -22.63 10.85 -21.83
C VAL B 248 -23.55 12.01 -21.43
N MET B 249 -24.81 11.70 -21.09
CA MET B 249 -25.77 12.71 -20.63
C MET B 249 -25.56 13.11 -19.17
N GLN B 250 -24.94 12.22 -18.39
CA GLN B 250 -24.71 12.47 -16.97
C GLN B 250 -23.35 13.11 -16.71
N ALA B 251 -22.52 13.17 -17.74
CA ALA B 251 -21.17 13.71 -17.60
C ALA B 251 -21.07 15.12 -18.18
N THR B 252 -22.01 15.47 -19.05
CA THR B 252 -21.97 16.74 -19.79
C THR B 252 -23.26 17.53 -19.66
N ASP B 253 -24.25 16.96 -18.96
CA ASP B 253 -25.60 17.54 -18.82
C ASP B 253 -26.27 17.85 -20.16
N CYS B 254 -25.94 17.07 -21.20
CA CYS B 254 -26.35 17.39 -22.57
C CYS B 254 -27.68 16.77 -23.01
N ASN B 255 -27.93 16.84 -24.31
CA ASN B 255 -29.15 16.30 -24.93
C ASN B 255 -29.10 14.78 -25.03
N LYS B 256 -30.22 14.17 -25.41
CA LYS B 256 -30.22 12.79 -25.89
C LYS B 256 -29.69 12.83 -27.31
N THR B 257 -29.88 13.96 -27.98
CA THR B 257 -29.42 14.14 -29.36
C THR B 257 -27.91 14.32 -29.42
N LEU B 258 -27.39 15.26 -28.62
CA LEU B 258 -25.96 15.56 -28.55
C LEU B 258 -25.12 14.33 -28.15
N ALA B 259 -25.67 13.53 -27.23
CA ALA B 259 -24.98 12.34 -26.71
C ALA B 259 -24.99 11.19 -27.71
N GLU B 260 -26.16 10.88 -28.27
CA GLU B 260 -26.27 9.88 -29.34
C GLU B 260 -25.50 10.31 -30.58
N GLN B 261 -25.49 11.61 -30.86
CA GLN B 261 -24.74 12.15 -32.01
C GLN B 261 -23.24 12.06 -31.82
N THR B 262 -22.70 12.64 -30.74
CA THR B 262 -21.25 12.61 -30.51
C THR B 262 -20.71 11.18 -30.31
N LEU B 263 -21.61 10.22 -30.13
CA LEU B 263 -21.25 8.81 -30.11
C LEU B 263 -21.25 8.22 -31.53
N LEU B 264 -21.43 9.07 -32.54
CA LEU B 264 -21.29 8.63 -33.94
C LEU B 264 -19.81 8.56 -34.30
N GLU B 265 -19.10 9.64 -33.96
CA GLU B 265 -17.71 9.82 -34.37
C GLU B 265 -16.73 9.17 -33.39
N ALA B 266 -17.10 9.17 -32.11
CA ALA B 266 -16.47 8.31 -31.13
C ALA B 266 -17.18 6.97 -31.25
N ASP B 267 -16.51 5.99 -31.85
CA ASP B 267 -17.15 4.71 -32.17
C ASP B 267 -17.79 4.02 -30.97
N GLN B 268 -18.91 4.57 -30.51
CA GLN B 268 -19.59 4.12 -29.30
C GLN B 268 -18.70 4.11 -28.05
N ASN B 269 -17.74 5.04 -28.03
CA ASN B 269 -16.87 5.27 -26.88
C ASN B 269 -17.36 6.49 -26.09
N ALA B 270 -18.04 6.25 -24.97
CA ALA B 270 -18.59 7.31 -24.14
C ALA B 270 -17.48 8.23 -23.60
N LYS B 271 -16.31 7.67 -23.31
CA LYS B 271 -15.18 8.45 -22.79
C LYS B 271 -14.59 9.42 -23.83
N LEU B 272 -14.60 9.02 -25.10
CA LEU B 272 -14.18 9.91 -26.17
C LEU B 272 -15.31 10.88 -26.50
N ALA B 273 -16.55 10.42 -26.28
CA ALA B 273 -17.73 11.25 -26.48
C ALA B 273 -17.87 12.35 -25.43
N ILE B 274 -17.73 11.99 -24.15
CA ILE B 274 -17.72 12.96 -23.05
C ILE B 274 -16.62 14.00 -23.26
N MET B 275 -15.46 13.52 -23.76
CA MET B 275 -14.28 14.36 -24.01
C MET B 275 -14.49 15.37 -25.14
N MET B 276 -15.21 14.97 -26.18
CA MET B 276 -15.48 15.84 -27.33
C MET B 276 -16.51 16.93 -27.01
N ILE B 277 -17.40 16.67 -26.05
CA ILE B 277 -18.45 17.62 -25.67
C ILE B 277 -17.94 18.69 -24.69
N LEU B 278 -17.19 18.26 -23.68
CA LEU B 278 -16.69 19.17 -22.64
C LEU B 278 -15.49 20.00 -23.07
N SER B 279 -14.89 19.64 -24.21
CA SER B 279 -13.70 20.33 -24.71
C SER B 279 -13.92 21.02 -26.06
N THR B 280 -15.02 20.66 -26.73
CA THR B 280 -15.32 21.11 -28.09
C THR B 280 -14.15 20.91 -29.07
N LEU B 281 -13.47 19.78 -28.93
CA LEU B 281 -12.34 19.44 -29.80
C LEU B 281 -12.82 18.53 -30.92
N SER B 282 -11.95 18.31 -31.91
CA SER B 282 -12.22 17.35 -32.98
C SER B 282 -12.17 15.92 -32.42
N LYS B 283 -12.44 14.93 -33.27
CA LYS B 283 -12.30 13.53 -32.85
C LYS B 283 -10.84 13.19 -32.56
N SER B 284 -9.94 13.63 -33.43
CA SER B 284 -8.51 13.36 -33.29
C SER B 284 -7.83 14.35 -32.34
N GLU B 285 -8.49 15.49 -32.10
CA GLU B 285 -8.03 16.45 -31.11
C GLU B 285 -8.32 15.96 -29.70
N ALA B 286 -9.50 15.37 -29.51
CA ALA B 286 -9.92 14.86 -28.21
C ALA B 286 -9.44 13.43 -27.98
N LYS B 287 -8.78 12.85 -28.98
CA LYS B 287 -8.25 11.49 -28.88
C LYS B 287 -6.72 11.50 -28.75
N VAL B 288 -6.12 12.68 -28.79
CA VAL B 288 -4.68 12.84 -28.54
C VAL B 288 -4.44 13.42 -27.14
N LEU B 289 -5.32 14.30 -26.68
CA LEU B 289 -5.26 14.78 -25.29
C LEU B 289 -5.69 13.65 -24.34
N LEU B 290 -6.57 12.79 -24.82
CA LEU B 290 -6.75 11.45 -24.26
C LEU B 290 -5.59 10.64 -24.83
N GLU B 291 -4.93 9.85 -23.98
CA GLU B 291 -3.61 9.19 -24.22
C GLU B 291 -2.46 10.01 -23.61
N ARG B 292 -2.53 11.33 -23.79
CA ARG B 292 -1.55 12.23 -23.21
C ARG B 292 -1.71 12.20 -21.69
N HIS B 293 -2.92 11.89 -21.24
CA HIS B 293 -3.22 11.70 -19.83
C HIS B 293 -3.48 10.22 -19.50
N GLN B 294 -2.94 9.33 -20.33
CA GLN B 294 -3.08 7.87 -20.16
C GLN B 294 -4.54 7.41 -20.15
N GLY B 295 -5.35 7.95 -21.06
CA GLY B 295 -6.76 7.60 -21.17
C GLY B 295 -7.61 8.06 -19.99
N LYS B 296 -7.02 8.84 -19.08
CA LYS B 296 -7.72 9.32 -17.89
C LYS B 296 -8.51 10.59 -18.16
N LEU B 297 -9.83 10.44 -18.29
CA LEU B 297 -10.74 11.51 -18.70
C LEU B 297 -10.78 12.69 -17.71
N ARG B 298 -10.65 12.37 -16.43
CA ARG B 298 -10.63 13.37 -15.36
C ARG B 298 -9.46 14.35 -15.48
N ASN B 299 -8.26 13.78 -15.63
CA ASN B 299 -7.04 14.58 -15.76
C ASN B 299 -7.01 15.48 -17.02
N ALA B 300 -7.56 14.97 -18.12
CA ALA B 300 -7.50 15.67 -19.41
C ALA B 300 -8.55 16.78 -19.55
N LEU B 301 -9.32 17.02 -18.49
CA LEU B 301 -10.34 18.07 -18.48
C LEU B 301 -10.04 19.20 -17.47
N LEU C 9 -35.61 2.46 -15.92
CA LEU C 9 -34.45 2.68 -16.78
C LEU C 9 -33.58 3.75 -16.11
N SER C 10 -34.03 5.00 -16.16
CA SER C 10 -33.51 6.10 -15.35
C SER C 10 -33.90 6.08 -13.85
N THR C 11 -34.68 5.10 -13.46
CA THR C 11 -35.13 4.92 -12.10
C THR C 11 -35.04 3.43 -11.67
N LEU C 12 -33.94 2.81 -12.02
CA LEU C 12 -33.69 1.47 -11.56
C LEU C 12 -32.60 1.59 -10.58
N ILE C 13 -32.80 1.02 -9.40
CA ILE C 13 -31.72 1.02 -8.40
C ILE C 13 -30.39 0.52 -8.99
N THR C 14 -30.45 -0.53 -9.80
CA THR C 14 -29.27 -1.14 -10.39
C THR C 14 -28.51 -0.21 -11.33
N GLU C 15 -29.23 0.75 -11.92
CA GLU C 15 -28.61 1.72 -12.82
C GLU C 15 -28.29 3.03 -12.11
N GLN C 16 -28.56 3.09 -10.81
CA GLN C 16 -28.41 4.32 -10.04
C GLN C 16 -26.97 4.51 -9.58
N ARG C 17 -26.58 5.77 -9.30
CA ARG C 17 -25.23 6.08 -8.87
C ARG C 17 -25.09 5.98 -7.35
N ASN C 18 -23.93 5.51 -6.89
CA ASN C 18 -23.63 5.45 -5.47
C ASN C 18 -23.14 6.81 -4.94
N PRO C 19 -23.74 7.28 -3.85
CA PRO C 19 -23.29 8.54 -3.24
C PRO C 19 -21.82 8.49 -2.82
N ASN C 20 -21.32 7.32 -2.44
CA ASN C 20 -19.98 7.21 -1.88
C ASN C 20 -18.88 7.11 -2.93
N SER C 21 -19.26 7.05 -4.20
CA SER C 21 -18.27 6.77 -5.23
C SER C 21 -18.18 7.85 -6.29
N VAL C 22 -18.91 8.95 -6.08
CA VAL C 22 -18.89 10.11 -6.97
C VAL C 22 -17.46 10.56 -7.33
N ASP C 23 -16.56 10.56 -6.35
CA ASP C 23 -15.16 10.90 -6.63
C ASP C 23 -14.23 9.71 -6.50
N ILE C 24 -14.74 8.53 -6.83
CA ILE C 24 -13.97 7.30 -6.62
C ILE C 24 -12.65 7.29 -7.39
N ASP C 25 -12.60 7.97 -8.53
CA ASP C 25 -11.40 7.99 -9.38
C ASP C 25 -10.33 8.98 -8.93
N ARG C 26 -10.54 9.60 -7.77
CA ARG C 26 -9.52 10.43 -7.13
C ARG C 26 -9.17 9.87 -5.74
N GLN C 27 -9.72 8.71 -5.41
CA GLN C 27 -9.49 8.07 -4.12
C GLN C 27 -8.21 7.23 -4.14
N SER C 28 -7.59 7.04 -2.98
CA SER C 28 -6.43 6.16 -2.89
C SER C 28 -6.86 4.69 -3.05
N THR C 29 -5.89 3.84 -3.39
CA THR C 29 -6.14 2.41 -3.55
C THR C 29 -6.88 1.82 -2.35
N LEU C 30 -6.33 2.04 -1.16
CA LEU C 30 -6.88 1.49 0.06
C LEU C 30 -8.31 1.98 0.26
N GLU C 31 -8.53 3.24 -0.08
CA GLU C 31 -9.84 3.84 0.10
C GLU C 31 -10.88 3.23 -0.85
N ILE C 32 -10.46 2.98 -2.10
CA ILE C 32 -11.32 2.34 -3.09
C ILE C 32 -11.76 0.96 -2.60
N VAL C 33 -10.81 0.13 -2.16
CA VAL C 33 -11.14 -1.20 -1.67
C VAL C 33 -11.85 -1.18 -0.31
N ARG C 34 -11.57 -0.16 0.50
CA ARG C 34 -12.31 0.02 1.74
C ARG C 34 -13.78 0.35 1.45
N LEU C 35 -14.00 1.22 0.48
CA LEU C 35 -15.35 1.54 0.03
C LEU C 35 -16.10 0.28 -0.45
N MET C 36 -15.46 -0.51 -1.31
CA MET C 36 -16.10 -1.71 -1.85
C MET C 36 -16.50 -2.66 -0.72
N ASN C 37 -15.60 -2.84 0.24
CA ASN C 37 -15.89 -3.72 1.38
C ASN C 37 -17.07 -3.21 2.23
N GLU C 38 -17.17 -1.90 2.39
CA GLU C 38 -18.34 -1.34 3.07
C GLU C 38 -19.62 -1.68 2.33
N GLU C 39 -19.56 -1.63 0.99
CA GLU C 39 -20.73 -2.01 0.18
C GLU C 39 -21.05 -3.49 0.38
N ASP C 40 -20.02 -4.32 0.36
CA ASP C 40 -20.21 -5.76 0.50
C ASP C 40 -20.88 -6.15 1.82
N LYS C 41 -20.63 -5.36 2.88
CA LYS C 41 -21.31 -5.56 4.17
C LYS C 41 -22.84 -5.48 4.06
N LEU C 42 -23.34 -4.69 3.11
CA LEU C 42 -24.77 -4.54 2.87
C LEU C 42 -25.44 -5.77 2.26
N VAL C 43 -24.67 -6.57 1.54
CA VAL C 43 -25.25 -7.69 0.81
C VAL C 43 -25.86 -8.79 1.71
N PRO C 44 -25.11 -9.28 2.71
CA PRO C 44 -25.78 -10.29 3.54
C PRO C 44 -27.01 -9.70 4.24
N LEU C 45 -26.97 -8.42 4.59
CA LEU C 45 -28.13 -7.75 5.17
C LEU C 45 -29.34 -7.68 4.23
N ALA C 46 -29.10 -7.35 2.97
CA ALA C 46 -30.14 -7.42 1.98
C ALA C 46 -30.76 -8.84 1.88
N ILE C 47 -29.94 -9.88 1.96
CA ILE C 47 -30.43 -11.26 1.81
C ILE C 47 -31.30 -11.68 3.00
N GLU C 48 -30.99 -11.19 4.20
CA GLU C 48 -31.81 -11.44 5.37
C GLU C 48 -33.31 -11.20 5.09
N SER C 49 -33.64 -10.04 4.52
CA SER C 49 -35.01 -9.71 4.14
C SER C 49 -35.70 -10.72 3.21
N CYS C 50 -34.91 -11.47 2.43
CA CYS C 50 -35.46 -12.37 1.40
C CYS C 50 -35.62 -13.80 1.88
N LEU C 51 -35.20 -14.08 3.10
CA LEU C 51 -35.22 -15.46 3.61
C LEU C 51 -36.58 -16.20 3.53
N PRO C 52 -37.70 -15.50 3.81
CA PRO C 52 -38.97 -16.22 3.64
C PRO C 52 -39.19 -16.68 2.21
N GLN C 53 -38.93 -15.80 1.25
N GLN C 53 -38.93 -15.80 1.25
CA GLN C 53 -39.09 -16.12 -0.16
CA GLN C 53 -39.09 -16.13 -0.17
C GLN C 53 -38.14 -17.24 -0.59
C GLN C 53 -38.14 -17.24 -0.59
N ILE C 54 -36.90 -17.15 -0.13
CA ILE C 54 -35.88 -18.16 -0.39
C ILE C 54 -36.29 -19.52 0.19
N SER C 55 -36.85 -19.51 1.41
CA SER C 55 -37.39 -20.71 2.07
C SER C 55 -38.51 -21.39 1.29
N LEU C 56 -39.47 -20.57 0.86
CA LEU C 56 -40.56 -21.06 0.04
C LEU C 56 -39.98 -21.78 -1.16
N ALA C 57 -39.10 -21.08 -1.87
CA ALA C 57 -38.42 -21.63 -3.04
C ALA C 57 -37.72 -22.96 -2.76
N VAL C 58 -36.95 -23.04 -1.67
CA VAL C 58 -36.28 -24.28 -1.31
C VAL C 58 -37.27 -25.43 -1.11
N GLU C 59 -38.38 -25.15 -0.42
CA GLU C 59 -39.40 -26.17 -0.19
C GLU C 59 -39.94 -26.77 -1.48
N GLN C 60 -40.20 -25.91 -2.46
CA GLN C 60 -40.76 -26.33 -3.74
C GLN C 60 -39.72 -27.01 -4.61
N ILE C 61 -38.48 -26.53 -4.52
CA ILE C 61 -37.41 -27.18 -5.26
C ILE C 61 -37.22 -28.59 -4.74
N VAL C 62 -37.37 -28.78 -3.43
CA VAL C 62 -37.30 -30.11 -2.84
C VAL C 62 -38.45 -31.01 -3.36
N GLN C 63 -39.66 -30.45 -3.38
CA GLN C 63 -40.82 -31.12 -3.94
C GLN C 63 -40.58 -31.55 -5.40
N ALA C 64 -40.17 -30.62 -6.25
CA ALA C 64 -39.94 -30.93 -7.67
C ALA C 64 -38.85 -31.99 -7.88
N PHE C 65 -37.86 -32.02 -7.00
CA PHE C 65 -36.81 -33.03 -7.08
C PHE C 65 -37.40 -34.38 -6.81
N GLN C 66 -38.26 -34.43 -5.79
CA GLN C 66 -38.87 -35.67 -5.33
C GLN C 66 -39.81 -36.24 -6.38
N GLN C 67 -40.23 -35.38 -7.30
CA GLN C 67 -41.09 -35.78 -8.40
C GLN C 67 -40.29 -35.86 -9.70
N GLY C 68 -38.99 -36.17 -9.58
CA GLY C 68 -38.11 -36.39 -10.71
C GLY C 68 -37.79 -35.20 -11.60
N GLY C 69 -38.02 -34.00 -11.11
CA GLY C 69 -37.78 -32.80 -11.87
C GLY C 69 -36.37 -32.24 -11.63
N ARG C 70 -35.98 -31.28 -12.45
CA ARG C 70 -34.66 -30.70 -12.35
C ARG C 70 -34.72 -29.24 -11.92
N LEU C 71 -33.66 -28.76 -11.29
CA LEU C 71 -33.50 -27.32 -11.04
C LEU C 71 -32.77 -26.71 -12.23
N ILE C 72 -33.41 -25.75 -12.89
CA ILE C 72 -32.83 -25.09 -14.05
C ILE C 72 -32.58 -23.59 -13.81
N TYR C 73 -31.31 -23.17 -13.86
CA TYR C 73 -30.97 -21.74 -13.77
C TYR C 73 -30.86 -21.10 -15.15
N ILE C 74 -31.51 -19.96 -15.36
CA ILE C 74 -31.23 -19.17 -16.57
C ILE C 74 -30.82 -17.75 -16.25
N GLY C 75 -29.95 -17.22 -17.09
CA GLY C 75 -29.47 -15.87 -16.93
C GLY C 75 -28.47 -15.54 -18.02
N ALA C 76 -28.10 -14.27 -18.07
CA ALA C 76 -27.14 -13.80 -19.06
C ALA C 76 -26.00 -13.17 -18.32
N GLY C 77 -24.85 -13.06 -18.99
CA GLY C 77 -23.66 -12.49 -18.40
C GLY C 77 -23.25 -13.14 -17.10
N THR C 78 -22.95 -12.30 -16.11
CA THR C 78 -22.52 -12.74 -14.80
C THR C 78 -23.57 -13.64 -14.14
N SER C 79 -24.83 -13.23 -14.23
CA SER C 79 -25.94 -14.04 -13.73
C SER C 79 -25.95 -15.47 -14.29
N GLY C 80 -25.90 -15.59 -15.62
CA GLY C 80 -25.75 -16.89 -16.24
C GLY C 80 -24.51 -17.63 -15.72
N ARG C 81 -23.37 -16.95 -15.70
CA ARG C 81 -22.15 -17.58 -15.24
C ARG C 81 -22.25 -18.08 -13.80
N LEU C 82 -22.87 -17.29 -12.92
CA LEU C 82 -23.12 -17.71 -11.53
C LEU C 82 -24.02 -18.95 -11.44
N GLY C 83 -25.05 -18.98 -12.28
CA GLY C 83 -25.89 -20.15 -12.45
C GLY C 83 -25.10 -21.41 -12.80
N VAL C 84 -24.29 -21.31 -13.85
CA VAL C 84 -23.39 -22.41 -14.25
C VAL C 84 -22.41 -22.78 -13.12
N LEU C 85 -21.80 -21.77 -12.51
CA LEU C 85 -20.89 -21.96 -11.38
C LEU C 85 -21.57 -22.78 -10.27
N ASP C 86 -22.76 -22.36 -9.87
CA ASP C 86 -23.45 -23.06 -8.79
C ASP C 86 -23.85 -24.48 -9.18
N ALA C 87 -24.34 -24.68 -10.40
CA ALA C 87 -24.75 -26.02 -10.84
C ALA C 87 -23.54 -26.95 -10.93
N SER C 88 -22.37 -26.40 -11.25
CA SER C 88 -21.17 -27.20 -11.46
C SER C 88 -20.78 -28.00 -10.23
N GLU C 89 -21.11 -27.50 -9.06
CA GLU C 89 -20.61 -28.11 -7.85
C GLU C 89 -21.54 -29.18 -7.27
N CYS C 90 -22.75 -29.27 -7.81
CA CYS C 90 -23.72 -30.20 -7.23
C CYS C 90 -23.36 -31.68 -7.39
N PRO C 91 -22.91 -32.11 -8.58
CA PRO C 91 -22.54 -33.53 -8.63
C PRO C 91 -21.36 -33.93 -7.72
N PRO C 92 -20.24 -33.19 -7.71
CA PRO C 92 -19.17 -33.70 -6.84
C PRO C 92 -19.48 -33.54 -5.36
N THR C 93 -20.33 -32.58 -5.01
CA THR C 93 -20.58 -32.32 -3.60
C THR C 93 -21.63 -33.25 -3.02
N PHE C 94 -22.71 -33.46 -3.77
CA PHE C 94 -23.83 -34.19 -3.22
C PHE C 94 -24.05 -35.55 -3.91
N GLY C 95 -23.13 -35.93 -4.79
CA GLY C 95 -23.22 -37.22 -5.47
C GLY C 95 -24.33 -37.38 -6.50
N VAL C 96 -24.95 -36.28 -6.90
CA VAL C 96 -26.10 -36.38 -7.81
C VAL C 96 -25.71 -36.38 -9.28
N SER C 97 -26.71 -36.63 -10.13
CA SER C 97 -26.55 -36.63 -11.57
C SER C 97 -26.20 -35.23 -12.10
N THR C 98 -25.53 -35.21 -13.24
CA THR C 98 -25.11 -33.97 -13.87
C THR C 98 -26.32 -33.23 -14.47
N GLU C 99 -27.47 -33.88 -14.42
CA GLU C 99 -28.67 -33.43 -15.12
C GLU C 99 -29.70 -32.87 -14.11
N MET C 100 -29.41 -33.04 -12.82
CA MET C 100 -30.34 -32.63 -11.77
C MET C 100 -30.40 -31.12 -11.51
N VAL C 101 -29.24 -30.48 -11.55
CA VAL C 101 -29.17 -29.02 -11.47
C VAL C 101 -28.41 -28.54 -12.70
N LYS C 102 -29.09 -27.79 -13.57
CA LYS C 102 -28.49 -27.33 -14.83
C LYS C 102 -28.46 -25.82 -14.93
N GLY C 103 -27.31 -25.29 -15.35
CA GLY C 103 -27.17 -23.87 -15.59
C GLY C 103 -27.18 -23.58 -17.09
N ILE C 104 -28.13 -22.77 -17.53
CA ILE C 104 -28.16 -22.34 -18.91
C ILE C 104 -27.82 -20.86 -18.97
N ILE C 105 -26.91 -20.50 -19.85
CA ILE C 105 -26.45 -19.12 -19.98
C ILE C 105 -26.74 -18.68 -21.41
N ALA C 106 -27.34 -17.50 -21.57
CA ALA C 106 -27.61 -16.94 -22.89
C ALA C 106 -26.32 -16.90 -23.69
N GLY C 107 -26.37 -17.41 -24.92
CA GLY C 107 -25.24 -17.38 -25.81
C GLY C 107 -24.55 -18.71 -25.87
N GLY C 108 -25.05 -19.67 -25.08
CA GLY C 108 -24.47 -21.00 -25.02
C GLY C 108 -23.10 -21.07 -24.37
N GLU C 109 -22.41 -22.19 -24.61
CA GLU C 109 -21.14 -22.53 -23.98
C GLU C 109 -20.06 -21.45 -23.97
N CYS C 110 -19.95 -20.72 -25.08
CA CYS C 110 -18.87 -19.76 -25.22
C CYS C 110 -19.06 -18.49 -24.40
N ALA C 111 -20.30 -18.20 -24.00
CA ALA C 111 -20.58 -17.05 -23.16
C ALA C 111 -20.09 -17.26 -21.72
N ILE C 112 -19.79 -18.50 -21.36
CA ILE C 112 -19.22 -18.76 -20.04
C ILE C 112 -17.94 -17.95 -19.81
N ARG C 113 -17.09 -17.89 -20.82
CA ARG C 113 -15.78 -17.26 -20.68
C ARG C 113 -15.75 -15.76 -20.95
N HIS C 114 -16.61 -15.30 -21.84
CA HIS C 114 -16.58 -13.90 -22.27
C HIS C 114 -17.93 -13.49 -22.88
N PRO C 115 -18.24 -12.17 -22.88
CA PRO C 115 -19.56 -11.73 -23.38
C PRO C 115 -19.90 -12.15 -24.82
N VAL C 116 -21.18 -12.02 -25.17
CA VAL C 116 -21.69 -12.38 -26.49
C VAL C 116 -22.76 -11.34 -26.87
N GLU C 117 -22.51 -10.63 -27.97
CA GLU C 117 -23.33 -9.49 -28.37
C GLU C 117 -24.81 -9.82 -28.54
N GLY C 118 -25.65 -9.12 -27.77
CA GLY C 118 -27.09 -9.24 -27.92
C GLY C 118 -27.70 -10.53 -27.39
N ALA C 119 -26.90 -11.37 -26.75
CA ALA C 119 -27.41 -12.64 -26.23
C ALA C 119 -28.55 -12.44 -25.24
N GLU C 120 -28.35 -11.51 -24.28
CA GLU C 120 -29.37 -11.21 -23.26
C GLU C 120 -30.66 -10.62 -23.82
N ASP C 121 -30.58 -10.02 -25.00
CA ASP C 121 -31.77 -9.50 -25.68
C ASP C 121 -32.50 -10.57 -26.50
N ASN C 122 -31.81 -11.65 -26.86
CA ASN C 122 -32.40 -12.65 -27.77
C ASN C 122 -33.54 -13.45 -27.20
N THR C 123 -34.74 -13.13 -27.66
CA THR C 123 -35.95 -13.71 -27.12
C THR C 123 -36.29 -15.08 -27.71
N LYS C 124 -35.78 -15.36 -28.90
CA LYS C 124 -36.06 -16.64 -29.56
C LYS C 124 -35.11 -17.70 -29.03
N ALA C 125 -33.88 -17.28 -28.75
CA ALA C 125 -32.84 -18.21 -28.32
C ALA C 125 -33.17 -18.94 -27.02
N VAL C 126 -33.90 -18.28 -26.11
CA VAL C 126 -34.24 -18.92 -24.83
C VAL C 126 -35.22 -20.09 -25.02
N LEU C 127 -36.12 -19.96 -25.99
CA LEU C 127 -37.07 -21.03 -26.29
C LEU C 127 -36.34 -22.24 -26.83
N ASN C 128 -35.39 -21.97 -27.73
CA ASN C 128 -34.56 -23.02 -28.33
C ASN C 128 -33.67 -23.68 -27.28
N ASP C 129 -33.09 -22.87 -26.41
CA ASP C 129 -32.22 -23.37 -25.35
C ASP C 129 -32.98 -24.27 -24.39
N LEU C 130 -34.21 -23.88 -24.08
CA LEU C 130 -35.05 -24.62 -23.13
C LEU C 130 -35.66 -25.89 -23.71
N GLN C 131 -36.05 -25.84 -24.97
CA GLN C 131 -36.51 -27.03 -25.67
C GLN C 131 -35.38 -28.05 -25.82
N SER C 132 -34.16 -27.57 -26.03
CA SER C 132 -33.03 -28.47 -26.25
C SER C 132 -32.66 -29.30 -25.01
N ILE C 133 -33.17 -28.91 -23.85
CA ILE C 133 -33.03 -29.74 -22.64
C ILE C 133 -34.39 -30.26 -22.19
N HIS C 134 -35.39 -30.14 -23.06
CA HIS C 134 -36.70 -30.71 -22.84
C HIS C 134 -37.34 -30.29 -21.52
N PHE C 135 -37.21 -28.99 -21.23
CA PHE C 135 -37.78 -28.42 -20.02
C PHE C 135 -39.28 -28.71 -19.96
N SER C 136 -39.72 -29.21 -18.82
CA SER C 136 -41.13 -29.64 -18.66
C SER C 136 -41.77 -29.03 -17.43
N LYS C 137 -43.06 -29.29 -17.24
CA LYS C 137 -43.79 -28.70 -16.12
C LYS C 137 -43.30 -29.17 -14.76
N ASN C 138 -42.61 -30.30 -14.71
CA ASN C 138 -42.10 -30.76 -13.42
C ASN C 138 -40.66 -30.29 -13.10
N ASP C 139 -40.10 -29.47 -13.98
CA ASP C 139 -38.81 -28.81 -13.72
C ASP C 139 -39.07 -27.43 -13.14
N VAL C 140 -38.12 -26.94 -12.35
CA VAL C 140 -38.21 -25.61 -11.77
C VAL C 140 -37.33 -24.67 -12.59
N LEU C 141 -37.82 -23.48 -12.88
CA LEU C 141 -36.98 -22.50 -13.56
C LEU C 141 -36.66 -21.35 -12.62
N VAL C 142 -35.38 -20.99 -12.51
CA VAL C 142 -34.96 -19.83 -11.72
C VAL C 142 -34.38 -18.81 -12.67
N GLY C 143 -35.14 -17.73 -12.91
CA GLY C 143 -34.65 -16.64 -13.73
C GLY C 143 -33.78 -15.69 -12.91
N ILE C 144 -32.55 -15.48 -13.36
CA ILE C 144 -31.60 -14.66 -12.62
C ILE C 144 -31.17 -13.43 -13.40
N ALA C 145 -31.63 -12.26 -12.96
CA ALA C 145 -31.19 -11.02 -13.59
C ALA C 145 -31.36 -9.84 -12.61
N ALA C 146 -30.25 -9.16 -12.34
CA ALA C 146 -30.24 -8.05 -11.41
C ALA C 146 -31.28 -6.99 -11.78
N SER C 147 -31.38 -6.70 -13.06
CA SER C 147 -32.26 -5.64 -13.54
C SER C 147 -33.74 -6.01 -13.40
N GLY C 148 -34.03 -7.31 -13.39
CA GLY C 148 -35.40 -7.79 -13.33
C GLY C 148 -36.16 -7.55 -14.64
N ARG C 149 -35.43 -7.32 -15.72
CA ARG C 149 -36.02 -6.78 -16.94
C ARG C 149 -35.36 -7.41 -18.17
N THR C 150 -34.35 -8.26 -17.95
CA THR C 150 -33.59 -8.88 -19.04
C THR C 150 -34.43 -9.78 -19.94
N PRO C 151 -34.62 -9.36 -21.21
CA PRO C 151 -35.53 -9.99 -22.17
C PRO C 151 -35.36 -11.52 -22.25
N TYR C 152 -34.11 -12.00 -22.36
CA TYR C 152 -33.81 -13.42 -22.37
C TYR C 152 -34.48 -14.17 -21.22
N VAL C 153 -34.38 -13.62 -20.02
CA VAL C 153 -34.88 -14.28 -18.82
C VAL C 153 -36.40 -14.19 -18.77
N ILE C 154 -36.92 -13.05 -19.20
CA ILE C 154 -38.37 -12.81 -19.21
C ILE C 154 -39.12 -13.84 -20.05
N ALA C 155 -38.70 -14.00 -21.31
CA ALA C 155 -39.31 -14.98 -22.18
C ALA C 155 -39.05 -16.39 -21.66
N GLY C 156 -37.86 -16.60 -21.11
CA GLY C 156 -37.56 -17.82 -20.40
C GLY C 156 -38.64 -18.14 -19.38
N LEU C 157 -38.89 -17.20 -18.46
CA LEU C 157 -39.91 -17.36 -17.43
C LEU C 157 -41.33 -17.47 -17.99
N GLN C 158 -41.65 -16.67 -19.01
CA GLN C 158 -42.95 -16.78 -19.67
C GLN C 158 -43.20 -18.19 -20.21
N TYR C 159 -42.20 -18.74 -20.91
CA TYR C 159 -42.31 -20.08 -21.45
C TYR C 159 -42.58 -21.12 -20.35
N ALA C 160 -41.82 -21.06 -19.26
CA ALA C 160 -42.01 -21.99 -18.15
C ALA C 160 -43.41 -21.89 -17.55
N LYS C 161 -43.90 -20.66 -17.40
CA LYS C 161 -45.25 -20.43 -16.93
C LYS C 161 -46.27 -21.06 -17.85
N SER C 162 -46.06 -20.89 -19.16
CA SER C 162 -46.92 -21.48 -20.19
C SER C 162 -47.15 -22.97 -19.98
N LEU C 163 -46.08 -23.67 -19.60
CA LEU C 163 -46.13 -25.10 -19.41
C LEU C 163 -46.68 -25.47 -18.03
N GLY C 164 -46.85 -24.47 -17.17
CA GLY C 164 -47.32 -24.70 -15.81
C GLY C 164 -46.21 -25.05 -14.82
N ALA C 165 -44.96 -24.81 -15.21
CA ALA C 165 -43.84 -25.11 -14.34
C ALA C 165 -43.66 -24.02 -13.30
N LEU C 166 -43.22 -24.41 -12.11
CA LEU C 166 -42.89 -23.45 -11.07
C LEU C 166 -41.81 -22.47 -11.53
N THR C 167 -42.03 -21.18 -11.31
CA THR C 167 -41.05 -20.16 -11.68
C THR C 167 -40.56 -19.31 -10.51
N ILE C 168 -39.26 -19.06 -10.48
CA ILE C 168 -38.65 -18.26 -9.42
C ILE C 168 -37.86 -17.15 -10.06
N SER C 169 -37.90 -15.94 -9.50
CA SER C 169 -37.07 -14.90 -10.03
C SER C 169 -36.13 -14.38 -8.97
N ILE C 170 -34.96 -13.94 -9.43
CA ILE C 170 -33.98 -13.29 -8.58
C ILE C 170 -33.56 -12.02 -9.28
N ALA C 171 -33.98 -10.89 -8.71
CA ALA C 171 -33.66 -9.57 -9.27
C ALA C 171 -33.25 -8.59 -8.17
N SER C 172 -32.59 -7.51 -8.56
CA SER C 172 -32.15 -6.53 -7.58
C SER C 172 -33.01 -5.26 -7.56
N ASN C 173 -34.00 -5.19 -8.47
CA ASN C 173 -34.99 -4.10 -8.50
C ASN C 173 -36.36 -4.57 -8.04
N PRO C 174 -37.01 -3.79 -7.19
CA PRO C 174 -38.33 -4.15 -6.65
C PRO C 174 -39.40 -4.17 -7.74
N LYS C 175 -40.38 -5.06 -7.59
CA LYS C 175 -41.55 -5.09 -8.47
C LYS C 175 -41.20 -5.11 -9.95
N SER C 176 -40.30 -6.01 -10.32
CA SER C 176 -39.79 -6.05 -11.67
C SER C 176 -40.78 -6.80 -12.56
N GLU C 177 -40.62 -6.68 -13.88
CA GLU C 177 -41.44 -7.51 -14.76
C GLU C 177 -41.21 -9.00 -14.49
N MET C 178 -39.98 -9.38 -14.16
CA MET C 178 -39.67 -10.76 -13.80
C MET C 178 -40.45 -11.23 -12.57
N ALA C 179 -40.54 -10.38 -11.55
CA ALA C 179 -41.25 -10.73 -10.32
C ALA C 179 -42.73 -10.99 -10.61
N GLU C 180 -43.30 -10.13 -11.45
CA GLU C 180 -44.70 -10.22 -11.82
C GLU C 180 -45.00 -11.59 -12.41
N ILE C 181 -44.17 -11.98 -13.37
CA ILE C 181 -44.33 -13.27 -14.05
C ILE C 181 -44.10 -14.44 -13.09
N ALA C 182 -43.01 -14.40 -12.33
CA ALA C 182 -42.64 -15.55 -11.50
C ALA C 182 -43.62 -15.83 -10.38
N ASP C 183 -43.68 -17.11 -10.01
CA ASP C 183 -44.47 -17.55 -8.87
C ASP C 183 -43.88 -17.00 -7.57
N ILE C 184 -42.55 -17.11 -7.46
CA ILE C 184 -41.80 -16.70 -6.26
C ILE C 184 -40.74 -15.67 -6.64
N ALA C 185 -40.90 -14.45 -6.14
CA ALA C 185 -39.96 -13.39 -6.44
C ALA C 185 -39.00 -13.18 -5.28
N ILE C 186 -37.71 -13.29 -5.56
CA ILE C 186 -36.69 -13.00 -4.58
C ILE C 186 -36.06 -11.67 -5.00
N GLU C 187 -36.10 -10.70 -4.10
CA GLU C 187 -35.68 -9.34 -4.42
C GLU C 187 -34.51 -8.91 -3.54
N THR C 188 -33.33 -8.96 -4.12
CA THR C 188 -32.11 -8.68 -3.38
C THR C 188 -31.75 -7.20 -3.56
N ILE C 189 -32.33 -6.36 -2.70
CA ILE C 189 -32.16 -4.90 -2.80
C ILE C 189 -30.83 -4.49 -2.18
N VAL C 190 -29.81 -4.39 -3.01
CA VAL C 190 -28.45 -4.23 -2.55
C VAL C 190 -27.96 -2.79 -2.67
N GLY C 191 -28.74 -1.95 -3.33
CA GLY C 191 -28.37 -0.56 -3.48
C GLY C 191 -27.44 -0.34 -4.64
N PRO C 192 -27.20 0.93 -4.97
CA PRO C 192 -26.40 1.23 -6.17
C PRO C 192 -24.97 0.66 -6.07
N GLU C 193 -24.45 0.17 -7.19
CA GLU C 193 -23.10 -0.37 -7.25
C GLU C 193 -22.07 0.74 -7.19
N ILE C 194 -20.90 0.42 -6.65
CA ILE C 194 -19.80 1.38 -6.49
C ILE C 194 -19.37 1.94 -7.86
N LEU C 195 -19.52 1.14 -8.90
CA LEU C 195 -19.31 1.61 -10.26
C LEU C 195 -20.68 1.49 -10.89
N THR C 196 -21.22 2.59 -11.36
CA THR C 196 -22.64 2.64 -11.76
C THR C 196 -23.03 1.59 -12.81
N GLY C 197 -23.98 0.72 -12.43
CA GLY C 197 -24.49 -0.31 -13.33
C GLY C 197 -23.71 -1.62 -13.33
N SER C 198 -22.59 -1.66 -12.60
CA SER C 198 -21.76 -2.86 -12.52
C SER C 198 -22.40 -3.95 -11.64
N SER C 199 -23.44 -4.58 -12.18
CA SER C 199 -24.23 -5.57 -11.45
C SER C 199 -23.46 -6.85 -11.15
N ARG C 200 -22.25 -6.97 -11.70
CA ARG C 200 -21.40 -8.10 -11.43
C ARG C 200 -20.89 -8.06 -9.99
N LEU C 201 -20.93 -6.87 -9.37
CA LEU C 201 -20.40 -6.68 -8.02
C LEU C 201 -21.42 -7.14 -6.96
N LYS C 202 -22.11 -6.20 -6.32
CA LYS C 202 -23.04 -6.55 -5.22
C LYS C 202 -24.15 -7.49 -5.63
N SER C 203 -24.75 -7.26 -6.79
CA SER C 203 -25.82 -8.13 -7.25
C SER C 203 -25.31 -9.54 -7.57
N GLY C 204 -24.09 -9.63 -8.10
CA GLY C 204 -23.46 -10.91 -8.38
C GLY C 204 -23.22 -11.68 -7.09
N THR C 205 -22.66 -11.00 -6.10
CA THR C 205 -22.46 -11.53 -4.76
C THR C 205 -23.76 -12.02 -4.11
N ALA C 206 -24.82 -11.21 -4.20
CA ALA C 206 -26.13 -11.61 -3.68
C ALA C 206 -26.70 -12.84 -4.41
N GLN C 207 -26.50 -12.86 -5.73
CA GLN C 207 -26.96 -13.98 -6.56
C GLN C 207 -26.22 -15.26 -6.21
N LYS C 208 -24.91 -15.19 -6.00
CA LYS C 208 -24.18 -16.36 -5.59
C LYS C 208 -24.73 -16.86 -4.25
N MET C 209 -24.90 -15.93 -3.31
CA MET C 209 -25.39 -16.27 -2.01
C MET C 209 -26.72 -17.01 -2.08
N VAL C 210 -27.62 -16.49 -2.90
CA VAL C 210 -28.97 -17.03 -2.97
C VAL C 210 -28.95 -18.40 -3.63
N LEU C 211 -28.21 -18.54 -4.72
CA LEU C 211 -28.14 -19.83 -5.40
C LEU C 211 -27.46 -20.86 -4.50
N ASN C 212 -26.42 -20.44 -3.76
CA ASN C 212 -25.76 -21.30 -2.80
C ASN C 212 -26.77 -21.86 -1.78
N MET C 213 -27.75 -21.03 -1.45
CA MET C 213 -28.80 -21.42 -0.51
C MET C 213 -29.79 -22.39 -1.18
N LEU C 214 -30.25 -22.03 -2.37
CA LEU C 214 -31.15 -22.87 -3.16
C LEU C 214 -30.67 -24.32 -3.32
N THR C 215 -29.43 -24.52 -3.76
CA THR C 215 -28.88 -25.87 -3.88
C THR C 215 -28.46 -26.50 -2.53
N THR C 216 -27.64 -25.82 -1.74
CA THR C 216 -27.16 -26.43 -0.49
C THR C 216 -28.32 -26.88 0.43
N ALA C 217 -29.28 -25.99 0.68
CA ALA C 217 -30.44 -26.31 1.54
C ALA C 217 -31.32 -27.39 0.94
N SER C 218 -31.49 -27.34 -0.39
CA SER C 218 -32.27 -28.35 -1.09
C SER C 218 -31.69 -29.73 -0.88
N MET C 219 -30.39 -29.85 -1.13
CA MET C 219 -29.68 -31.12 -1.11
C MET C 219 -29.61 -31.69 0.31
N ILE C 220 -29.34 -30.81 1.28
CA ILE C 220 -29.38 -31.20 2.67
C ILE C 220 -30.73 -31.84 3.04
N LEU C 221 -31.82 -31.24 2.57
CA LEU C 221 -33.15 -31.79 2.87
C LEU C 221 -33.44 -33.10 2.13
N LEU C 222 -32.76 -33.34 1.03
CA LEU C 222 -32.89 -34.61 0.32
C LEU C 222 -31.95 -35.68 0.88
N GLY C 223 -31.30 -35.33 2.00
CA GLY C 223 -30.43 -36.25 2.72
C GLY C 223 -29.04 -36.44 2.12
N LYS C 224 -28.50 -35.40 1.51
CA LYS C 224 -27.19 -35.50 0.88
C LYS C 224 -26.09 -35.08 1.85
N CYS C 225 -26.36 -35.26 3.14
CA CYS C 225 -25.32 -35.07 4.13
C CYS C 225 -25.69 -35.84 5.40
N TYR C 226 -24.79 -35.81 6.38
CA TYR C 226 -25.00 -36.45 7.66
C TYR C 226 -24.39 -35.54 8.67
N GLU C 227 -25.21 -35.05 9.59
CA GLU C 227 -24.81 -33.97 10.49
C GLU C 227 -24.33 -32.83 9.59
N ASN C 228 -23.09 -32.39 9.72
CA ASN C 228 -22.56 -31.41 8.77
C ASN C 228 -21.40 -31.97 7.94
N LEU C 229 -21.50 -33.25 7.58
CA LEU C 229 -20.44 -33.94 6.85
C LEU C 229 -20.85 -34.16 5.41
N MET C 230 -19.88 -34.09 4.50
CA MET C 230 -20.17 -34.18 3.07
C MET C 230 -20.19 -35.65 2.60
N VAL C 231 -21.04 -36.46 3.21
CA VAL C 231 -20.95 -37.93 3.06
C VAL C 231 -21.19 -38.44 1.63
N ASP C 232 -21.82 -37.63 0.79
CA ASP C 232 -22.00 -38.01 -0.61
C ASP C 232 -20.93 -37.44 -1.54
N VAL C 233 -19.83 -36.96 -0.97
CA VAL C 233 -18.74 -36.41 -1.76
C VAL C 233 -18.17 -37.41 -2.78
N GLN C 234 -17.93 -36.94 -3.99
CA GLN C 234 -17.31 -37.75 -5.03
C GLN C 234 -15.79 -37.54 -4.96
N ALA C 235 -15.05 -38.61 -4.69
CA ALA C 235 -13.61 -38.53 -4.44
C ALA C 235 -12.81 -38.46 -5.74
N SER C 236 -12.74 -37.26 -6.31
CA SER C 236 -12.13 -37.06 -7.62
C SER C 236 -10.69 -36.54 -7.55
N ASN C 237 -10.16 -36.32 -6.35
CA ASN C 237 -8.77 -35.90 -6.23
C ASN C 237 -8.19 -36.24 -4.86
N GLU C 238 -6.90 -35.95 -4.67
CA GLU C 238 -6.24 -36.28 -3.41
C GLU C 238 -6.92 -35.72 -2.18
N LYS C 239 -7.34 -34.46 -2.25
CA LYS C 239 -8.01 -33.82 -1.11
C LYS C 239 -9.36 -34.46 -0.82
N LEU C 240 -10.15 -34.72 -1.86
CA LEU C 240 -11.48 -35.29 -1.64
C LEU C 240 -11.42 -36.76 -1.16
N LYS C 241 -10.39 -37.49 -1.60
CA LYS C 241 -10.15 -38.85 -1.08
C LYS C 241 -9.85 -38.80 0.40
N ALA C 242 -8.91 -37.94 0.78
CA ALA C 242 -8.62 -37.76 2.19
C ALA C 242 -9.81 -37.20 2.97
N ARG C 243 -10.72 -36.47 2.32
CA ARG C 243 -11.91 -36.00 3.01
C ARG C 243 -12.90 -37.15 3.23
N ALA C 244 -13.03 -38.02 2.25
CA ALA C 244 -13.86 -39.21 2.42
C ALA C 244 -13.42 -40.04 3.64
N VAL C 245 -12.14 -40.39 3.71
CA VAL C 245 -11.58 -41.07 4.88
C VAL C 245 -11.86 -40.32 6.17
N ARG C 246 -11.63 -39.01 6.14
CA ARG C 246 -11.81 -38.15 7.30
C ARG C 246 -13.27 -38.16 7.80
N ILE C 247 -14.21 -38.13 6.86
CA ILE C 247 -15.63 -38.16 7.17
C ILE C 247 -16.04 -39.44 7.91
N VAL C 248 -15.57 -40.57 7.40
CA VAL C 248 -15.79 -41.85 8.06
C VAL C 248 -15.20 -41.85 9.49
N MET C 249 -13.99 -41.33 9.64
CA MET C 249 -13.38 -41.18 10.96
C MET C 249 -14.19 -40.27 11.91
N GLN C 250 -14.64 -39.12 11.40
CA GLN C 250 -15.39 -38.16 12.22
C GLN C 250 -16.75 -38.71 12.66
N ALA C 251 -17.34 -39.53 11.78
CA ALA C 251 -18.66 -40.08 12.00
C ALA C 251 -18.67 -41.34 12.87
N THR C 252 -17.56 -42.08 12.92
CA THR C 252 -17.52 -43.36 13.62
C THR C 252 -16.48 -43.42 14.75
N ASP C 253 -15.54 -42.47 14.76
CA ASP C 253 -14.38 -42.49 15.66
C ASP C 253 -13.40 -43.65 15.42
N CYS C 254 -13.56 -44.38 14.32
CA CYS C 254 -12.60 -45.41 13.93
C CYS C 254 -11.29 -44.77 13.55
N ASN C 255 -10.24 -45.59 13.42
CA ASN C 255 -8.96 -45.08 12.96
C ASN C 255 -8.88 -45.06 11.43
N LYS C 256 -7.83 -44.40 10.90
CA LYS C 256 -7.64 -44.25 9.46
C LYS C 256 -7.65 -45.58 8.72
N THR C 257 -6.93 -46.57 9.26
CA THR C 257 -6.78 -47.86 8.59
C THR C 257 -8.12 -48.56 8.40
N LEU C 258 -8.94 -48.55 9.45
CA LEU C 258 -10.27 -49.11 9.35
C LEU C 258 -11.04 -48.32 8.29
N ALA C 259 -11.17 -47.00 8.49
CA ALA C 259 -11.86 -46.12 7.54
C ALA C 259 -11.43 -46.35 6.07
N GLU C 260 -10.12 -46.34 5.79
CA GLU C 260 -9.62 -46.63 4.45
C GLU C 260 -10.11 -47.98 3.93
N GLN C 261 -10.04 -49.00 4.80
CA GLN C 261 -10.41 -50.35 4.40
C GLN C 261 -11.89 -50.47 4.07
N THR C 262 -12.76 -49.96 4.95
CA THR C 262 -14.18 -50.15 4.70
C THR C 262 -14.70 -49.21 3.60
N LEU C 263 -13.98 -48.11 3.36
CA LEU C 263 -14.25 -47.23 2.23
C LEU C 263 -14.07 -47.98 0.91
N LEU C 264 -12.98 -48.72 0.80
CA LEU C 264 -12.69 -49.45 -0.45
C LEU C 264 -13.72 -50.56 -0.71
N GLU C 265 -14.16 -51.23 0.34
CA GLU C 265 -15.16 -52.27 0.17
C GLU C 265 -16.50 -51.64 -0.21
N ALA C 266 -16.78 -50.48 0.39
CA ALA C 266 -18.03 -49.76 0.13
C ALA C 266 -18.00 -48.94 -1.16
N ASP C 267 -17.02 -49.23 -2.03
CA ASP C 267 -16.88 -48.55 -3.32
C ASP C 267 -16.86 -47.02 -3.23
N GLN C 268 -16.11 -46.50 -2.25
CA GLN C 268 -15.76 -45.09 -2.17
C GLN C 268 -16.86 -44.14 -1.69
N ASN C 269 -18.05 -44.67 -1.41
CA ASN C 269 -19.06 -43.85 -0.78
C ASN C 269 -18.85 -43.84 0.73
N ALA C 270 -18.83 -42.65 1.32
CA ALA C 270 -18.62 -42.54 2.74
C ALA C 270 -19.92 -42.88 3.45
N LYS C 271 -21.01 -42.83 2.71
CA LYS C 271 -22.34 -43.09 3.26
C LYS C 271 -22.47 -44.52 3.78
N LEU C 272 -22.29 -45.52 2.90
CA LEU C 272 -22.46 -46.92 3.27
C LEU C 272 -21.40 -47.36 4.28
N ALA C 273 -20.17 -46.87 4.09
CA ALA C 273 -19.07 -47.23 4.97
C ALA C 273 -19.35 -46.84 6.41
N ILE C 274 -19.81 -45.61 6.63
CA ILE C 274 -20.23 -45.18 7.96
C ILE C 274 -21.33 -46.11 8.45
N MET C 275 -22.26 -46.42 7.54
CA MET C 275 -23.40 -47.25 7.86
C MET C 275 -22.94 -48.63 8.34
N MET C 276 -22.07 -49.24 7.55
CA MET C 276 -21.52 -50.56 7.84
C MET C 276 -20.77 -50.61 9.17
N ILE C 277 -20.05 -49.55 9.49
CA ILE C 277 -19.23 -49.51 10.69
C ILE C 277 -20.05 -49.35 11.98
N LEU C 278 -20.96 -48.38 12.00
CA LEU C 278 -21.73 -48.06 13.20
C LEU C 278 -22.81 -49.09 13.50
N SER C 279 -23.49 -49.53 12.45
CA SER C 279 -24.59 -50.46 12.61
C SER C 279 -24.12 -51.91 12.55
N THR C 280 -22.82 -52.10 12.31
CA THR C 280 -22.22 -53.43 12.08
C THR C 280 -23.13 -54.39 11.29
N LEU C 281 -23.07 -54.33 9.97
CA LEU C 281 -24.20 -54.82 9.20
C LEU C 281 -23.93 -55.27 7.76
N SER C 282 -22.66 -55.34 7.36
CA SER C 282 -22.29 -55.76 6.00
C SER C 282 -22.81 -54.86 4.86
N LYS C 283 -22.16 -54.94 3.71
CA LYS C 283 -22.52 -54.12 2.57
C LYS C 283 -23.94 -54.42 2.03
N SER C 284 -24.89 -53.62 2.50
CA SER C 284 -26.30 -53.68 2.08
C SER C 284 -27.07 -52.49 2.68
N GLU C 285 -28.18 -52.13 2.06
CA GLU C 285 -28.89 -50.89 2.40
C GLU C 285 -30.41 -51.03 2.48
N ALA C 286 -31.03 -49.99 3.04
CA ALA C 286 -32.48 -49.89 3.08
C ALA C 286 -32.89 -48.42 3.27
N LYS C 287 -34.20 -48.19 3.26
CA LYS C 287 -34.80 -46.90 3.60
C LYS C 287 -34.62 -45.81 2.54
N VAL C 288 -34.29 -44.59 2.99
CA VAL C 288 -34.26 -43.40 2.13
C VAL C 288 -33.19 -42.38 2.54
N LEU C 289 -31.92 -42.76 2.39
CA LEU C 289 -30.78 -41.83 2.52
C LEU C 289 -30.40 -41.38 3.96
N LEU C 290 -29.60 -42.22 4.60
CA LEU C 290 -29.15 -42.15 6.02
C LEU C 290 -30.06 -41.62 7.14
N GLU C 291 -30.93 -42.48 7.63
CA GLU C 291 -31.42 -42.38 9.01
C GLU C 291 -31.77 -43.75 9.57
N ARG C 292 -31.08 -44.77 9.06
CA ARG C 292 -31.30 -46.13 9.51
C ARG C 292 -30.61 -46.38 10.85
N HIS C 293 -31.06 -45.71 11.90
CA HIS C 293 -30.46 -45.87 13.24
C HIS C 293 -31.51 -46.00 14.35
N LEU D 6 5.60 38.11 -4.42
CA LEU D 6 6.35 37.89 -5.66
C LEU D 6 7.35 39.01 -5.87
N LYS D 7 8.61 38.73 -5.51
CA LYS D 7 9.75 39.56 -5.84
C LYS D 7 10.59 38.74 -6.82
N SER D 8 11.89 39.05 -6.91
CA SER D 8 12.85 38.15 -7.53
C SER D 8 12.93 36.81 -6.76
N LEU D 9 11.96 35.94 -7.03
CA LEU D 9 11.98 34.56 -6.59
C LEU D 9 11.92 33.71 -7.85
N SER D 10 11.42 34.30 -8.94
CA SER D 10 11.27 33.62 -10.22
C SER D 10 12.64 33.29 -10.84
N THR D 11 13.66 34.02 -10.39
CA THR D 11 15.03 33.83 -10.86
C THR D 11 15.74 32.61 -10.23
N LEU D 12 15.28 32.19 -9.05
CA LEU D 12 15.95 31.15 -8.26
C LEU D 12 15.39 29.75 -8.52
N ILE D 13 16.27 28.79 -8.79
CA ILE D 13 15.84 27.42 -9.01
C ILE D 13 15.01 26.89 -7.84
N THR D 14 15.36 27.29 -6.61
CA THR D 14 14.69 26.82 -5.40
C THR D 14 13.22 27.21 -5.35
N GLU D 15 12.89 28.33 -6.00
CA GLU D 15 11.53 28.83 -6.05
C GLU D 15 10.80 28.48 -7.35
N GLN D 16 11.44 27.74 -8.24
CA GLN D 16 10.83 27.34 -9.51
C GLN D 16 9.95 26.11 -9.43
N ARG D 17 9.01 26.02 -10.36
CA ARG D 17 8.09 24.90 -10.40
C ARG D 17 8.74 23.72 -11.10
N ASN D 18 8.42 22.52 -10.62
CA ASN D 18 8.91 21.28 -11.23
C ASN D 18 7.87 20.79 -12.23
N PRO D 19 8.23 20.75 -13.53
CA PRO D 19 7.37 20.22 -14.61
C PRO D 19 6.74 18.85 -14.29
N ASN D 20 7.50 17.98 -13.65
CA ASN D 20 7.04 16.63 -13.32
C ASN D 20 5.98 16.54 -12.24
N SER D 21 5.69 17.65 -11.56
CA SER D 21 4.70 17.61 -10.47
C SER D 21 3.54 18.63 -10.55
N VAL D 22 3.24 19.12 -11.76
CA VAL D 22 2.12 20.07 -11.93
C VAL D 22 0.80 19.51 -11.51
N ASP D 23 0.64 18.20 -11.67
CA ASP D 23 -0.64 17.55 -11.39
C ASP D 23 -0.54 16.68 -10.15
N ILE D 24 0.47 16.93 -9.33
CA ILE D 24 0.78 16.04 -8.21
C ILE D 24 -0.39 15.90 -7.22
N ASP D 25 -1.23 16.93 -7.14
CA ASP D 25 -2.46 16.85 -6.33
C ASP D 25 -3.53 15.91 -6.91
N ARG D 26 -3.26 15.32 -8.07
CA ARG D 26 -4.20 14.36 -8.67
C ARG D 26 -3.54 13.02 -8.90
N GLN D 27 -2.22 12.97 -8.70
CA GLN D 27 -1.49 11.73 -8.91
C GLN D 27 -1.84 10.77 -7.78
N SER D 28 -1.63 9.48 -8.03
CA SER D 28 -1.87 8.47 -7.01
C SER D 28 -0.75 8.49 -5.97
N THR D 29 -1.03 7.90 -4.81
CA THR D 29 -0.05 7.80 -3.73
C THR D 29 1.29 7.24 -4.18
N LEU D 30 1.25 6.19 -4.99
CA LEU D 30 2.48 5.54 -5.43
C LEU D 30 3.23 6.35 -6.47
N GLU D 31 2.49 7.07 -7.30
CA GLU D 31 3.12 8.00 -8.24
C GLU D 31 3.84 9.12 -7.49
N ILE D 32 3.23 9.61 -6.42
CA ILE D 32 3.84 10.64 -5.62
C ILE D 32 5.17 10.17 -5.00
N VAL D 33 5.17 9.02 -4.34
CA VAL D 33 6.40 8.57 -3.68
C VAL D 33 7.48 8.14 -4.69
N ARG D 34 7.07 7.57 -5.83
CA ARG D 34 8.02 7.24 -6.88
C ARG D 34 8.69 8.49 -7.45
N LEU D 35 7.92 9.56 -7.62
CA LEU D 35 8.48 10.81 -8.13
C LEU D 35 9.47 11.42 -7.14
N MET D 36 9.11 11.42 -5.86
CA MET D 36 9.99 11.90 -4.80
C MET D 36 11.26 11.07 -4.80
N ASN D 37 11.11 9.77 -5.06
CA ASN D 37 12.26 8.89 -5.13
C ASN D 37 13.15 9.12 -6.35
N GLU D 38 12.54 9.30 -7.52
CA GLU D 38 13.28 9.65 -8.74
C GLU D 38 14.06 10.93 -8.55
N GLU D 39 13.43 11.92 -7.94
CA GLU D 39 14.06 13.19 -7.69
C GLU D 39 15.20 13.05 -6.68
N ASP D 40 15.04 12.15 -5.70
CA ASP D 40 16.11 11.92 -4.72
C ASP D 40 17.39 11.44 -5.40
N LYS D 41 17.24 10.62 -6.43
CA LYS D 41 18.40 10.15 -7.19
C LYS D 41 19.22 11.30 -7.74
N LEU D 42 18.59 12.43 -8.02
CA LEU D 42 19.32 13.59 -8.56
C LEU D 42 20.30 14.18 -7.56
N VAL D 43 20.03 13.99 -6.27
CA VAL D 43 20.79 14.67 -5.23
C VAL D 43 22.27 14.21 -5.10
N PRO D 44 22.54 12.89 -5.05
CA PRO D 44 23.97 12.52 -4.98
C PRO D 44 24.71 12.94 -6.25
N LEU D 45 24.02 12.95 -7.38
CA LEU D 45 24.60 13.42 -8.64
C LEU D 45 25.00 14.89 -8.58
N ALA D 46 24.12 15.70 -8.02
CA ALA D 46 24.38 17.14 -7.85
C ALA D 46 25.59 17.35 -6.95
N ILE D 47 25.77 16.47 -5.98
CA ILE D 47 26.84 16.58 -5.00
C ILE D 47 28.16 16.07 -5.60
N GLU D 48 28.06 15.14 -6.55
CA GLU D 48 29.23 14.68 -7.30
C GLU D 48 29.99 15.83 -7.92
N SER D 49 29.26 16.75 -8.54
N SER D 49 29.27 16.76 -8.55
CA SER D 49 29.87 17.91 -9.20
CA SER D 49 29.92 17.90 -9.20
C SER D 49 30.54 18.84 -8.18
C SER D 49 30.48 18.90 -8.19
N CYS D 50 30.20 18.68 -6.90
CA CYS D 50 30.69 19.58 -5.87
C CYS D 50 31.89 19.06 -5.12
N LEU D 51 32.31 17.84 -5.45
CA LEU D 51 33.39 17.19 -4.70
C LEU D 51 34.72 17.98 -4.59
N PRO D 52 35.15 18.67 -5.67
CA PRO D 52 36.36 19.47 -5.49
C PRO D 52 36.22 20.61 -4.48
N GLN D 53 35.09 21.34 -4.50
CA GLN D 53 34.85 22.40 -3.50
C GLN D 53 34.71 21.81 -2.08
N ILE D 54 34.03 20.68 -1.96
CA ILE D 54 33.85 20.01 -0.68
C ILE D 54 35.19 19.57 -0.11
N SER D 55 36.05 19.03 -0.99
CA SER D 55 37.43 18.70 -0.64
C SER D 55 38.20 19.90 -0.10
N LEU D 56 38.20 21.00 -0.85
CA LEU D 56 38.84 22.23 -0.42
C LEU D 56 38.35 22.61 0.98
N ALA D 57 37.04 22.55 1.17
CA ALA D 57 36.42 22.90 2.45
C ALA D 57 36.92 22.00 3.58
N VAL D 58 36.94 20.69 3.32
CA VAL D 58 37.38 19.76 4.35
C VAL D 58 38.82 20.06 4.74
N GLU D 59 39.66 20.33 3.74
CA GLU D 59 41.07 20.54 4.01
C GLU D 59 41.26 21.77 4.88
N GLN D 60 40.46 22.80 4.61
CA GLN D 60 40.48 24.02 5.41
C GLN D 60 40.03 23.75 6.84
N ILE D 61 38.99 22.95 6.99
CA ILE D 61 38.43 22.64 8.28
C ILE D 61 39.46 21.88 9.12
N VAL D 62 40.23 21.01 8.47
CA VAL D 62 41.24 20.22 9.15
C VAL D 62 42.37 21.10 9.69
N GLN D 63 42.79 22.09 8.90
CA GLN D 63 43.78 23.06 9.36
C GLN D 63 43.28 23.77 10.59
N ALA D 64 42.03 24.20 10.53
CA ALA D 64 41.45 24.97 11.61
C ALA D 64 41.40 24.14 12.89
N PHE D 65 40.99 22.88 12.76
CA PHE D 65 40.96 21.96 13.90
C PHE D 65 42.35 21.83 14.51
N GLN D 66 43.36 21.71 13.66
CA GLN D 66 44.74 21.61 14.11
C GLN D 66 45.26 22.91 14.73
N GLN D 67 44.70 24.05 14.33
CA GLN D 67 45.06 25.34 14.92
C GLN D 67 44.19 25.71 16.13
N GLY D 68 43.41 24.75 16.62
CA GLY D 68 42.54 24.97 17.76
C GLY D 68 41.21 25.65 17.44
N GLY D 69 40.91 25.80 16.16
CA GLY D 69 39.67 26.43 15.72
C GLY D 69 38.48 25.48 15.74
N ARG D 70 37.28 26.03 15.68
CA ARG D 70 36.05 25.23 15.68
C ARG D 70 35.32 25.29 14.34
N LEU D 71 34.45 24.31 14.11
CA LEU D 71 33.62 24.28 12.93
C LEU D 71 32.25 24.79 13.33
N ILE D 72 31.85 25.90 12.72
CA ILE D 72 30.60 26.55 13.08
C ILE D 72 29.61 26.54 11.92
N TYR D 73 28.41 26.04 12.21
CA TYR D 73 27.31 25.99 11.27
C TYR D 73 26.31 27.09 11.61
N ILE D 74 25.86 27.84 10.60
CA ILE D 74 24.69 28.72 10.75
C ILE D 74 23.64 28.51 9.67
N GLY D 75 22.37 28.51 10.05
CA GLY D 75 21.30 28.61 9.08
C GLY D 75 19.99 28.89 9.77
N ALA D 76 18.94 29.05 8.97
CA ALA D 76 17.58 29.15 9.47
C ALA D 76 16.79 27.91 9.07
N GLY D 77 15.64 27.74 9.70
CA GLY D 77 14.70 26.69 9.34
C GLY D 77 15.35 25.32 9.28
N THR D 78 15.02 24.57 8.22
CA THR D 78 15.52 23.21 8.05
C THR D 78 17.07 23.21 7.99
N SER D 79 17.63 24.15 7.23
CA SER D 79 19.07 24.32 7.17
C SER D 79 19.72 24.42 8.55
N GLY D 80 19.22 25.34 9.36
CA GLY D 80 19.71 25.50 10.72
C GLY D 80 19.61 24.20 11.48
N ARG D 81 18.43 23.58 11.42
CA ARG D 81 18.18 22.30 12.10
C ARG D 81 19.19 21.21 11.69
N LEU D 82 19.54 21.18 10.41
CA LEU D 82 20.46 20.16 9.91
C LEU D 82 21.89 20.44 10.37
N GLY D 83 22.24 21.72 10.48
CA GLY D 83 23.49 22.11 11.10
C GLY D 83 23.54 21.61 12.54
N VAL D 84 22.45 21.83 13.27
CA VAL D 84 22.37 21.41 14.66
C VAL D 84 22.41 19.87 14.76
N LEU D 85 21.70 19.19 13.88
CA LEU D 85 21.73 17.74 13.79
C LEU D 85 23.15 17.18 13.61
N ASP D 86 23.86 17.65 12.59
CA ASP D 86 25.19 17.14 12.30
C ASP D 86 26.15 17.43 13.47
N ALA D 87 26.10 18.64 14.03
CA ALA D 87 26.97 19.00 15.15
C ALA D 87 26.65 18.18 16.40
N SER D 88 25.37 17.87 16.59
CA SER D 88 24.95 17.16 17.80
C SER D 88 25.54 15.75 17.85
N GLU D 89 25.92 15.23 16.69
CA GLU D 89 26.30 13.84 16.57
C GLU D 89 27.79 13.64 16.79
N CYS D 90 28.54 14.72 16.68
CA CYS D 90 29.99 14.67 16.68
C CYS D 90 30.65 14.22 17.98
N PRO D 91 30.18 14.70 19.15
CA PRO D 91 30.83 14.17 20.37
C PRO D 91 30.69 12.65 20.54
N PRO D 92 29.47 12.08 20.44
CA PRO D 92 29.48 10.62 20.57
C PRO D 92 30.17 9.88 19.40
N THR D 93 30.04 10.40 18.18
CA THR D 93 30.58 9.68 17.03
C THR D 93 32.11 9.68 17.01
N PHE D 94 32.71 10.77 17.46
CA PHE D 94 34.16 10.94 17.30
C PHE D 94 34.93 11.10 18.61
N GLY D 95 34.22 11.04 19.73
CA GLY D 95 34.82 11.27 21.03
C GLY D 95 35.47 12.65 21.12
N VAL D 96 34.79 13.67 20.61
CA VAL D 96 35.30 15.03 20.72
C VAL D 96 34.46 15.88 21.68
N SER D 97 34.98 17.06 21.99
CA SER D 97 34.31 18.01 22.85
C SER D 97 33.10 18.61 22.14
N THR D 98 32.11 19.02 22.92
CA THR D 98 30.92 19.67 22.39
C THR D 98 31.25 21.00 21.69
N GLU D 99 32.40 21.60 22.00
CA GLU D 99 32.76 22.88 21.40
C GLU D 99 33.29 22.76 19.97
N MET D 100 33.79 21.61 19.60
CA MET D 100 34.54 21.47 18.35
C MET D 100 33.69 21.68 17.09
N VAL D 101 32.48 21.15 17.09
CA VAL D 101 31.54 21.42 16.01
C VAL D 101 30.30 21.98 16.65
N LYS D 102 29.88 23.17 16.25
CA LYS D 102 28.68 23.80 16.82
C LYS D 102 27.65 24.19 15.76
N GLY D 103 26.38 23.94 16.05
CA GLY D 103 25.30 24.37 15.17
C GLY D 103 24.53 25.54 15.76
N ILE D 104 24.50 26.66 15.03
CA ILE D 104 23.72 27.83 15.38
C ILE D 104 22.54 27.98 14.42
N ILE D 105 21.37 28.22 14.96
CA ILE D 105 20.18 28.34 14.13
C ILE D 105 19.48 29.69 14.38
N ALA D 106 19.04 30.34 13.31
CA ALA D 106 18.34 31.63 13.43
C ALA D 106 17.14 31.51 14.39
N GLY D 107 17.11 32.38 15.40
CA GLY D 107 16.06 32.37 16.40
C GLY D 107 16.37 31.48 17.60
N GLY D 108 17.59 30.96 17.68
CA GLY D 108 18.01 30.17 18.83
C GLY D 108 17.17 28.93 19.08
N GLU D 109 17.19 28.48 20.34
CA GLU D 109 16.50 27.28 20.77
C GLU D 109 14.99 27.24 20.47
N CYS D 110 14.38 28.40 20.28
CA CYS D 110 12.95 28.46 19.94
C CYS D 110 12.69 27.90 18.52
N ALA D 111 13.69 28.02 17.65
CA ALA D 111 13.56 27.62 16.24
C ALA D 111 13.78 26.14 16.00
N ILE D 112 14.18 25.43 17.03
CA ILE D 112 14.56 24.04 16.89
C ILE D 112 13.39 23.13 16.54
N ARG D 113 12.20 23.44 17.08
CA ARG D 113 11.00 22.63 16.82
C ARG D 113 9.97 23.33 15.94
N HIS D 114 10.02 24.65 15.89
CA HIS D 114 9.04 25.43 15.16
CA HIS D 114 9.06 25.40 15.09
C HIS D 114 9.68 26.67 14.55
N PRO D 115 9.10 27.20 13.47
CA PRO D 115 9.54 28.48 12.91
C PRO D 115 9.53 29.60 13.94
N VAL D 116 10.40 30.58 13.75
CA VAL D 116 10.41 31.76 14.58
C VAL D 116 10.20 32.90 13.62
N GLU D 117 9.17 33.68 13.90
CA GLU D 117 8.73 34.67 12.94
C GLU D 117 9.84 35.71 12.71
N GLY D 118 10.31 35.78 11.46
CA GLY D 118 11.24 36.82 11.04
C GLY D 118 12.71 36.48 11.25
N ALA D 119 12.99 35.41 11.99
CA ALA D 119 14.35 35.07 12.42
C ALA D 119 15.36 35.05 11.26
N GLU D 120 15.00 34.46 10.13
CA GLU D 120 15.93 34.39 9.01
C GLU D 120 16.20 35.75 8.38
N ASP D 121 15.35 36.73 8.69
CA ASP D 121 15.47 38.08 8.17
C ASP D 121 16.31 39.00 9.06
N ASN D 122 16.45 38.60 10.32
CA ASN D 122 17.10 39.44 11.33
C ASN D 122 18.62 39.43 11.22
N THR D 123 19.19 40.45 10.57
CA THR D 123 20.62 40.49 10.31
C THR D 123 21.45 40.99 11.49
N LYS D 124 20.77 41.51 12.52
CA LYS D 124 21.44 41.97 13.72
C LYS D 124 21.69 40.81 14.67
N ALA D 125 20.73 39.89 14.72
CA ALA D 125 20.76 38.79 15.66
C ALA D 125 21.92 37.81 15.39
N VAL D 126 22.27 37.60 14.12
CA VAL D 126 23.38 36.73 13.78
C VAL D 126 24.72 37.24 14.37
N LEU D 127 24.86 38.55 14.45
CA LEU D 127 26.03 39.15 15.10
C LEU D 127 26.11 38.78 16.57
N ASN D 128 24.99 38.92 17.30
CA ASN D 128 24.93 38.51 18.70
C ASN D 128 25.21 37.04 18.91
N ASP D 129 24.62 36.19 18.06
CA ASP D 129 24.77 34.73 18.15
C ASP D 129 26.21 34.29 17.95
N LEU D 130 26.88 34.88 16.96
CA LEU D 130 28.27 34.55 16.70
C LEU D 130 29.18 35.08 17.82
N GLN D 131 28.89 36.27 18.33
CA GLN D 131 29.73 36.86 19.35
C GLN D 131 29.57 36.12 20.67
N SER D 132 28.37 35.61 20.92
CA SER D 132 28.09 34.92 22.18
C SER D 132 28.88 33.61 22.34
N ILE D 133 29.26 32.99 21.22
CA ILE D 133 30.14 31.81 21.26
C ILE D 133 31.58 32.20 20.96
N HIS D 134 31.84 33.50 21.00
CA HIS D 134 33.18 34.03 20.82
C HIS D 134 33.78 33.63 19.49
N PHE D 135 33.01 33.79 18.41
CA PHE D 135 33.51 33.44 17.08
C PHE D 135 34.75 34.25 16.73
N SER D 136 35.79 33.57 16.25
CA SER D 136 37.06 34.24 15.99
C SER D 136 37.65 33.83 14.65
N LYS D 137 38.73 34.49 14.27
CA LYS D 137 39.35 34.27 12.97
C LYS D 137 39.94 32.87 12.80
N ASN D 138 40.14 32.15 13.90
CA ASN D 138 40.62 30.78 13.85
C ASN D 138 39.52 29.75 13.58
N ASP D 139 38.27 30.20 13.69
CA ASP D 139 37.13 29.32 13.48
C ASP D 139 36.75 29.33 12.02
N VAL D 140 35.99 28.30 11.62
CA VAL D 140 35.45 28.19 10.27
C VAL D 140 33.94 28.32 10.32
N LEU D 141 33.40 29.22 9.51
CA LEU D 141 31.96 29.40 9.47
C LEU D 141 31.41 28.80 8.19
N VAL D 142 30.42 27.92 8.34
CA VAL D 142 29.73 27.35 7.20
C VAL D 142 28.31 27.93 7.19
N GLY D 143 28.01 28.73 6.17
CA GLY D 143 26.70 29.31 6.04
C GLY D 143 25.82 28.41 5.20
N ILE D 144 24.69 28.01 5.77
CA ILE D 144 23.84 27.02 5.12
C ILE D 144 22.51 27.65 4.76
N ALA D 145 22.24 27.76 3.45
CA ALA D 145 20.97 28.29 2.97
C ALA D 145 20.69 27.84 1.56
N ALA D 146 19.59 27.12 1.38
CA ALA D 146 19.16 26.64 0.07
C ALA D 146 19.05 27.79 -0.94
N SER D 147 18.42 28.89 -0.51
CA SER D 147 18.11 29.99 -1.42
C SER D 147 19.39 30.71 -1.80
N GLY D 148 20.38 30.66 -0.93
CA GLY D 148 21.64 31.34 -1.15
C GLY D 148 21.55 32.83 -0.88
N ARG D 149 20.47 33.27 -0.23
CA ARG D 149 20.21 34.71 -0.08
C ARG D 149 19.51 35.08 1.24
N THR D 150 19.47 34.12 2.16
CA THR D 150 18.90 34.33 3.48
C THR D 150 19.74 35.35 4.24
N PRO D 151 19.15 36.50 4.57
CA PRO D 151 19.93 37.63 5.07
C PRO D 151 20.63 37.32 6.40
N TYR D 152 19.97 36.57 7.28
CA TYR D 152 20.62 36.09 8.50
C TYR D 152 21.98 35.45 8.20
N VAL D 153 21.99 34.52 7.25
CA VAL D 153 23.19 33.79 6.89
C VAL D 153 24.21 34.67 6.14
N ILE D 154 23.72 35.48 5.20
CA ILE D 154 24.56 36.48 4.54
C ILE D 154 25.34 37.36 5.53
N ALA D 155 24.64 37.90 6.52
CA ALA D 155 25.28 38.79 7.49
C ALA D 155 26.26 37.99 8.36
N GLY D 156 25.87 36.76 8.69
CA GLY D 156 26.75 35.84 9.35
C GLY D 156 28.09 35.74 8.67
N LEU D 157 28.07 35.44 7.38
CA LEU D 157 29.30 35.30 6.61
C LEU D 157 30.13 36.59 6.56
N GLN D 158 29.49 37.70 6.23
CA GLN D 158 30.13 39.02 6.21
C GLN D 158 30.88 39.30 7.50
N TYR D 159 30.25 39.02 8.62
CA TYR D 159 30.88 39.26 9.90
C TYR D 159 32.11 38.38 10.04
N ALA D 160 31.95 37.11 9.71
CA ALA D 160 33.06 36.17 9.77
C ALA D 160 34.18 36.61 8.85
N LYS D 161 33.83 37.11 7.66
CA LYS D 161 34.84 37.47 6.66
C LYS D 161 35.62 38.68 7.18
N SER D 162 34.89 39.60 7.78
CA SER D 162 35.48 40.81 8.35
C SER D 162 36.48 40.48 9.45
N LEU D 163 36.39 39.28 10.01
CA LEU D 163 37.28 38.88 11.10
C LEU D 163 38.52 38.19 10.57
N GLY D 164 38.49 37.81 9.29
CA GLY D 164 39.57 37.01 8.72
C GLY D 164 39.34 35.50 8.83
N ALA D 165 38.17 35.10 9.32
CA ALA D 165 37.82 33.67 9.41
C ALA D 165 37.51 33.08 8.05
N LEU D 166 38.00 31.87 7.79
CA LEU D 166 37.61 31.16 6.58
C LEU D 166 36.09 30.95 6.53
N THR D 167 35.48 31.23 5.37
CA THR D 167 34.04 31.14 5.21
C THR D 167 33.65 30.15 4.13
N ILE D 168 32.61 29.37 4.40
CA ILE D 168 32.11 28.39 3.44
C ILE D 168 30.60 28.57 3.26
N SER D 169 30.12 28.55 2.02
CA SER D 169 28.69 28.59 1.80
C SER D 169 28.18 27.33 1.12
N ILE D 170 26.97 26.93 1.50
CA ILE D 170 26.28 25.83 0.86
C ILE D 170 24.92 26.35 0.42
N ALA D 171 24.69 26.37 -0.89
CA ALA D 171 23.42 26.85 -1.43
C ALA D 171 23.01 26.00 -2.62
N SER D 172 21.76 26.16 -3.06
CA SER D 172 21.20 25.38 -4.17
C SER D 172 20.91 26.21 -5.43
N ASN D 173 21.10 27.52 -5.34
CA ASN D 173 21.02 28.39 -6.49
C ASN D 173 22.43 28.80 -6.88
N PRO D 174 22.72 28.81 -8.19
CA PRO D 174 24.10 29.14 -8.57
C PRO D 174 24.37 30.64 -8.45
N LYS D 175 25.65 31.01 -8.34
CA LYS D 175 26.07 32.42 -8.31
C LYS D 175 25.36 33.26 -7.28
N SER D 176 25.08 32.69 -6.11
CA SER D 176 24.34 33.39 -5.07
C SER D 176 25.15 34.50 -4.43
N GLU D 177 24.48 35.35 -3.66
CA GLU D 177 25.18 36.35 -2.90
C GLU D 177 26.07 35.67 -1.85
N MET D 178 25.57 34.60 -1.26
CA MET D 178 26.36 33.87 -0.26
C MET D 178 27.67 33.36 -0.84
N ALA D 179 27.60 32.80 -2.05
CA ALA D 179 28.79 32.32 -2.73
C ALA D 179 29.81 33.43 -2.98
N GLU D 180 29.32 34.63 -3.29
CA GLU D 180 30.20 35.74 -3.56
C GLU D 180 31.03 36.09 -2.34
N ILE D 181 30.36 36.13 -1.19
CA ILE D 181 31.01 36.51 0.03
C ILE D 181 32.00 35.45 0.47
N ALA D 182 31.58 34.19 0.46
CA ALA D 182 32.39 33.09 1.01
C ALA D 182 33.67 32.77 0.22
N ASP D 183 34.70 32.30 0.94
CA ASP D 183 35.93 31.82 0.31
C ASP D 183 35.67 30.55 -0.52
N ILE D 184 34.94 29.60 0.05
CA ILE D 184 34.64 28.37 -0.66
C ILE D 184 33.14 28.28 -0.89
N ALA D 185 32.74 28.22 -2.15
CA ALA D 185 31.32 28.10 -2.50
C ALA D 185 30.95 26.67 -2.91
N ILE D 186 30.04 26.06 -2.17
CA ILE D 186 29.51 24.73 -2.53
C ILE D 186 28.08 24.88 -3.05
N GLU D 187 27.84 24.41 -4.26
CA GLU D 187 26.58 24.70 -4.95
C GLU D 187 25.88 23.45 -5.41
N THR D 188 24.95 22.99 -4.58
CA THR D 188 24.24 21.73 -4.79
C THR D 188 22.98 22.00 -5.60
N ILE D 189 23.10 21.90 -6.92
CA ILE D 189 21.98 22.20 -7.81
C ILE D 189 21.06 21.00 -7.94
N VAL D 190 20.03 20.93 -7.10
CA VAL D 190 19.18 19.75 -7.07
C VAL D 190 17.95 19.93 -7.94
N GLY D 191 17.79 21.11 -8.50
CA GLY D 191 16.62 21.41 -9.31
C GLY D 191 15.39 21.71 -8.46
N PRO D 192 14.34 22.25 -9.11
CA PRO D 192 13.06 22.60 -8.48
C PRO D 192 12.50 21.45 -7.64
N GLU D 193 11.96 21.78 -6.47
CA GLU D 193 11.40 20.80 -5.57
C GLU D 193 10.05 20.34 -6.06
N ILE D 194 9.64 19.17 -5.60
CA ILE D 194 8.40 18.52 -5.91
C ILE D 194 7.20 19.35 -5.45
N LEU D 195 7.35 20.00 -4.30
CA LEU D 195 6.38 20.98 -3.85
C LEU D 195 7.14 22.28 -3.95
N THR D 196 6.63 23.20 -4.77
CA THR D 196 7.42 24.37 -5.14
C THR D 196 7.88 25.17 -3.91
N GLY D 197 9.19 25.41 -3.81
CA GLY D 197 9.76 26.12 -2.68
C GLY D 197 10.00 25.29 -1.42
N SER D 198 9.63 24.01 -1.44
CA SER D 198 9.83 23.17 -0.25
C SER D 198 11.29 22.71 -0.11
N SER D 199 12.16 23.61 0.33
CA SER D 199 13.60 23.37 0.35
C SER D 199 14.03 22.37 1.42
N ARG D 200 13.12 22.03 2.31
CA ARG D 200 13.38 20.99 3.31
C ARG D 200 13.60 19.62 2.65
N LEU D 201 13.25 19.51 1.37
CA LEU D 201 13.30 18.22 0.67
C LEU D 201 14.68 17.91 0.01
N LYS D 202 14.79 18.06 -1.31
CA LYS D 202 16.06 17.75 -1.98
C LYS D 202 17.22 18.60 -1.42
N SER D 203 17.00 19.90 -1.26
CA SER D 203 18.03 20.76 -0.70
C SER D 203 18.44 20.33 0.72
N GLY D 204 17.45 19.99 1.55
CA GLY D 204 17.73 19.46 2.87
C GLY D 204 18.57 18.19 2.83
N THR D 205 18.21 17.26 1.95
CA THR D 205 18.98 16.03 1.75
C THR D 205 20.42 16.31 1.31
N ALA D 206 20.56 17.24 0.38
CA ALA D 206 21.88 17.63 -0.14
C ALA D 206 22.70 18.26 0.98
N GLN D 207 22.02 19.05 1.79
CA GLN D 207 22.67 19.71 2.91
C GLN D 207 23.19 18.69 3.91
N LYS D 208 22.35 17.72 4.27
CA LYS D 208 22.77 16.68 5.19
C LYS D 208 23.96 15.89 4.63
N MET D 209 23.89 15.52 3.36
CA MET D 209 25.00 14.80 2.75
C MET D 209 26.31 15.58 2.82
N VAL D 210 26.25 16.88 2.54
CA VAL D 210 27.45 17.70 2.52
C VAL D 210 28.02 17.90 3.92
N LEU D 211 27.17 18.29 4.86
CA LEU D 211 27.57 18.38 6.27
C LEU D 211 28.20 17.07 6.76
N ASN D 212 27.57 15.93 6.45
CA ASN D 212 28.09 14.64 6.88
C ASN D 212 29.53 14.41 6.37
N MET D 213 29.81 14.88 5.14
CA MET D 213 31.14 14.77 4.56
C MET D 213 32.12 15.69 5.27
N LEU D 214 31.71 16.95 5.48
CA LEU D 214 32.53 17.93 6.18
C LEU D 214 32.97 17.44 7.56
N THR D 215 32.06 16.90 8.35
CA THR D 215 32.50 16.38 9.63
C THR D 215 33.19 15.00 9.54
N THR D 216 32.60 14.06 8.82
CA THR D 216 33.18 12.73 8.76
C THR D 216 34.58 12.71 8.15
N ALA D 217 34.76 13.38 7.00
CA ALA D 217 36.06 13.36 6.33
C ALA D 217 37.13 14.11 7.12
N SER D 218 36.74 15.24 7.71
N SER D 218 36.74 15.23 7.72
CA SER D 218 37.69 16.01 8.52
CA SER D 218 37.71 15.99 8.52
C SER D 218 38.19 15.19 9.71
C SER D 218 38.18 15.22 9.73
N MET D 219 37.29 14.45 10.35
CA MET D 219 37.64 13.67 11.53
C MET D 219 38.58 12.52 11.16
N ILE D 220 38.37 11.96 9.98
CA ILE D 220 39.22 10.91 9.50
C ILE D 220 40.62 11.45 9.26
N LEU D 221 40.71 12.68 8.74
CA LEU D 221 42.01 13.31 8.45
C LEU D 221 42.78 13.71 9.73
N LEU D 222 42.08 13.84 10.83
CA LEU D 222 42.74 14.10 12.09
C LEU D 222 43.31 12.83 12.70
N GLY D 223 43.12 11.71 12.03
CA GLY D 223 43.69 10.44 12.47
C GLY D 223 42.84 9.69 13.48
N LYS D 224 41.54 9.94 13.49
CA LYS D 224 40.65 9.29 14.46
C LYS D 224 40.39 7.79 14.18
N CYS D 225 40.83 7.30 13.03
CA CYS D 225 40.47 5.98 12.57
C CYS D 225 41.60 4.97 12.45
N TYR D 226 41.27 3.70 12.69
CA TYR D 226 42.10 2.59 12.23
C TYR D 226 41.31 1.84 11.17
N GLU D 227 41.82 1.86 9.93
CA GLU D 227 41.05 1.37 8.79
C GLU D 227 39.69 2.10 8.77
N ASN D 228 38.58 1.37 8.85
CA ASN D 228 37.27 2.03 8.82
C ASN D 228 36.57 1.97 10.17
N LEU D 229 37.37 1.86 11.23
CA LEU D 229 36.89 1.91 12.59
C LEU D 229 37.26 3.24 13.22
N MET D 230 36.32 3.88 13.91
CA MET D 230 36.59 5.09 14.68
C MET D 230 37.12 4.66 16.05
N VAL D 231 38.42 4.88 16.27
CA VAL D 231 39.07 4.26 17.44
C VAL D 231 39.46 5.23 18.54
N ASP D 232 39.25 6.52 18.33
CA ASP D 232 39.65 7.52 19.29
C ASP D 232 38.61 7.63 20.40
N VAL D 233 38.64 6.68 21.33
CA VAL D 233 37.75 6.68 22.49
C VAL D 233 38.54 6.60 23.80
N GLN D 234 38.21 7.49 24.73
CA GLN D 234 38.87 7.54 26.03
C GLN D 234 37.93 7.02 27.11
N ALA D 235 38.23 5.82 27.63
CA ALA D 235 37.32 5.14 28.53
C ALA D 235 37.15 5.81 29.92
N SER D 236 36.48 6.97 29.94
CA SER D 236 36.32 7.76 31.16
C SER D 236 35.25 7.22 32.12
N ASN D 237 34.44 6.29 31.65
CA ASN D 237 33.46 5.63 32.50
C ASN D 237 33.22 4.22 32.03
N GLU D 238 32.23 3.57 32.63
CA GLU D 238 31.96 2.17 32.40
C GLU D 238 31.53 1.88 30.96
N LYS D 239 30.67 2.74 30.40
CA LYS D 239 30.13 2.50 29.06
C LYS D 239 31.08 2.84 27.92
N LEU D 240 31.98 3.77 28.16
CA LEU D 240 33.03 4.05 27.19
C LEU D 240 34.10 2.97 27.23
N LYS D 241 34.24 2.31 28.38
CA LYS D 241 35.19 1.21 28.53
C LYS D 241 34.80 0.03 27.66
N ALA D 242 33.51 -0.34 27.71
CA ALA D 242 33.01 -1.46 26.92
C ALA D 242 33.12 -1.16 25.44
N ARG D 243 32.91 0.10 25.09
CA ARG D 243 33.02 0.54 23.70
C ARG D 243 34.48 0.49 23.24
N ALA D 244 35.39 0.95 24.11
CA ALA D 244 36.83 0.90 23.85
C ALA D 244 37.34 -0.54 23.70
N VAL D 245 36.88 -1.43 24.59
CA VAL D 245 37.37 -2.81 24.60
C VAL D 245 36.99 -3.45 23.29
N ARG D 246 35.73 -3.26 22.91
CA ARG D 246 35.19 -3.76 21.67
C ARG D 246 35.97 -3.23 20.45
N ILE D 247 36.26 -1.94 20.43
CA ILE D 247 36.96 -1.35 19.28
C ILE D 247 38.44 -1.78 19.23
N VAL D 248 39.12 -1.86 20.39
CA VAL D 248 40.45 -2.45 20.47
C VAL D 248 40.45 -3.90 19.92
N MET D 249 39.45 -4.70 20.33
CA MET D 249 39.32 -6.08 19.86
C MET D 249 39.06 -6.14 18.37
N GLN D 250 38.16 -5.28 17.90
CA GLN D 250 37.81 -5.24 16.48
C GLN D 250 39.02 -4.83 15.61
N ALA D 251 39.80 -3.87 16.08
CA ALA D 251 40.93 -3.38 15.29
C ALA D 251 42.10 -4.37 15.20
N THR D 252 42.45 -4.99 16.32
CA THR D 252 43.64 -5.84 16.39
C THR D 252 43.35 -7.35 16.32
N ASP D 253 42.07 -7.71 16.26
CA ASP D 253 41.63 -9.11 16.35
C ASP D 253 42.09 -9.84 17.62
N CYS D 254 42.45 -9.09 18.66
CA CYS D 254 42.89 -9.69 19.93
C CYS D 254 41.70 -10.07 20.79
N ASN D 255 41.96 -10.72 21.92
CA ASN D 255 40.89 -11.14 22.81
C ASN D 255 40.57 -10.07 23.87
N LYS D 256 39.50 -10.31 24.62
CA LYS D 256 39.02 -9.38 25.63
C LYS D 256 40.09 -9.11 26.70
N THR D 257 40.86 -10.16 27.00
CA THR D 257 41.92 -10.10 28.00
C THR D 257 43.01 -9.10 27.63
N LEU D 258 43.56 -9.22 26.43
CA LEU D 258 44.62 -8.31 26.01
C LEU D 258 44.07 -6.89 25.86
N ALA D 259 42.86 -6.79 25.34
CA ALA D 259 42.27 -5.47 25.13
C ALA D 259 42.05 -4.75 26.46
N GLU D 260 41.51 -5.46 27.45
CA GLU D 260 41.33 -4.86 28.77
C GLU D 260 42.65 -4.51 29.46
N GLN D 261 43.64 -5.37 29.32
CA GLN D 261 44.93 -5.13 29.95
C GLN D 261 45.65 -3.95 29.27
N THR D 262 45.70 -3.96 27.95
CA THR D 262 46.37 -2.89 27.23
C THR D 262 45.70 -1.54 27.47
N LEU D 263 44.37 -1.55 27.60
CA LEU D 263 43.62 -0.33 27.88
C LEU D 263 44.12 0.31 29.16
N LEU D 264 44.32 -0.54 30.17
CA LEU D 264 44.82 -0.12 31.47
C LEU D 264 46.22 0.53 31.39
N GLU D 265 47.12 -0.14 30.68
CA GLU D 265 48.49 0.32 30.49
C GLU D 265 48.57 1.59 29.66
N ALA D 266 47.52 1.87 28.88
CA ALA D 266 47.52 3.03 27.99
C ALA D 266 46.73 4.19 28.59
N ASP D 267 46.40 4.09 29.88
CA ASP D 267 45.58 5.09 30.57
C ASP D 267 44.25 5.33 29.87
N GLN D 268 43.55 4.22 29.60
CA GLN D 268 42.19 4.21 29.05
C GLN D 268 42.05 4.79 27.63
N ASN D 269 43.17 4.96 26.93
CA ASN D 269 43.16 5.47 25.57
C ASN D 269 43.19 4.32 24.55
N ALA D 270 42.05 4.05 23.89
CA ALA D 270 41.94 2.91 22.96
C ALA D 270 42.92 3.00 21.79
N LYS D 271 43.07 4.20 21.24
CA LYS D 271 43.97 4.43 20.11
C LYS D 271 45.43 4.10 20.48
N LEU D 272 45.84 4.50 21.68
CA LEU D 272 47.20 4.19 22.11
C LEU D 272 47.34 2.70 22.43
N ALA D 273 46.26 2.11 22.94
CA ALA D 273 46.23 0.68 23.23
C ALA D 273 46.40 -0.13 21.97
N ILE D 274 45.71 0.29 20.91
CA ILE D 274 45.82 -0.36 19.63
C ILE D 274 47.25 -0.25 19.12
N MET D 275 47.85 0.92 19.36
CA MET D 275 49.22 1.20 18.95
C MET D 275 50.20 0.26 19.64
N MET D 276 50.08 0.16 20.95
CA MET D 276 50.92 -0.76 21.74
C MET D 276 50.82 -2.21 21.30
N ILE D 277 49.60 -2.69 21.06
CA ILE D 277 49.41 -4.07 20.68
C ILE D 277 50.03 -4.40 19.32
N LEU D 278 49.73 -3.57 18.33
CA LEU D 278 50.22 -3.81 16.97
C LEU D 278 51.71 -3.56 16.80
N SER D 279 52.27 -2.68 17.62
CA SER D 279 53.69 -2.34 17.52
C SER D 279 54.59 -3.19 18.41
N THR D 280 54.00 -3.78 19.46
CA THR D 280 54.69 -4.46 20.57
C THR D 280 55.50 -3.52 21.46
N LEU D 281 55.34 -2.21 21.28
CA LEU D 281 56.06 -1.19 22.04
C LEU D 281 55.36 -0.90 23.35
N SER D 282 56.11 -0.39 24.32
CA SER D 282 55.56 0.04 25.58
C SER D 282 54.82 1.37 25.40
N LYS D 283 54.08 1.77 26.43
CA LYS D 283 53.28 3.00 26.41
C LYS D 283 54.01 4.26 25.95
N SER D 284 55.11 4.59 26.62
CA SER D 284 55.89 5.78 26.30
C SER D 284 56.47 5.74 24.90
N GLU D 285 57.03 4.60 24.51
CA GLU D 285 57.52 4.41 23.14
C GLU D 285 56.42 4.54 22.09
N ALA D 286 55.37 3.74 22.24
CA ALA D 286 54.20 3.84 21.36
C ALA D 286 53.70 5.27 21.23
N LYS D 287 53.63 6.01 22.34
CA LYS D 287 53.20 7.41 22.32
C LYS D 287 54.06 8.27 21.39
N VAL D 288 55.38 8.08 21.47
CA VAL D 288 56.32 8.88 20.71
C VAL D 288 56.19 8.61 19.23
N LEU D 289 56.13 7.33 18.86
CA LEU D 289 56.03 6.93 17.46
C LEU D 289 54.72 7.40 16.84
N LEU D 290 53.66 7.37 17.63
CA LEU D 290 52.33 7.77 17.17
C LEU D 290 52.32 9.27 16.90
N GLU D 291 52.89 10.04 17.82
CA GLU D 291 53.01 11.47 17.61
C GLU D 291 53.82 11.82 16.35
N ARG D 292 54.87 11.06 16.07
CA ARG D 292 55.74 11.34 14.93
C ARG D 292 55.01 11.15 13.60
N HIS D 293 53.85 10.51 13.65
CA HIS D 293 53.07 10.30 12.44
C HIS D 293 51.68 10.95 12.58
N GLN D 294 51.62 11.96 13.44
CA GLN D 294 50.47 12.86 13.55
C GLN D 294 49.25 12.19 14.14
N GLY D 295 49.48 11.11 14.88
CA GLY D 295 48.39 10.35 15.47
C GLY D 295 47.70 9.50 14.41
N LYS D 296 48.38 9.26 13.30
CA LYS D 296 47.82 8.37 12.28
C LYS D 296 48.40 6.96 12.48
N LEU D 297 47.56 6.06 12.96
CA LEU D 297 47.94 4.73 13.41
C LEU D 297 48.71 3.92 12.38
N ARG D 298 48.14 3.76 11.19
CA ARG D 298 48.76 2.86 10.22
C ARG D 298 50.03 3.43 9.58
N ASN D 299 50.07 4.75 9.42
CA ASN D 299 51.29 5.42 8.99
C ASN D 299 52.43 5.20 10.00
N ALA D 300 52.09 5.31 11.27
CA ALA D 300 53.03 5.06 12.37
C ALA D 300 53.52 3.60 12.44
N LEU D 301 52.66 2.66 12.06
CA LEU D 301 53.00 1.23 12.10
C LEU D 301 53.65 0.77 10.80
N SER D 302 53.99 1.75 9.94
CA SER D 302 54.85 1.59 8.77
C SER D 302 54.56 0.33 7.93
CAA 22H E . -15.16 -29.79 -2.13
CAB 22H E . -13.89 -30.78 -6.75
CAL 22H E . -15.42 -27.03 -3.44
CAM 22H E . -10.64 -26.57 -5.02
CAQ 22H E . -15.99 -30.10 -3.34
CAR 22H E . -14.54 -29.28 -8.66
CAS 22H E . -14.51 -29.47 -7.17
CAT 22H E . -11.64 -27.61 -5.36
CAU 22H E . -15.31 -27.97 -4.61
CAV 22H E . -12.97 -27.18 -4.83
CAW 22H E . -13.93 -28.28 -5.14
NAN 22H E . -16.02 -29.21 -4.47
OAC 22H E . -16.65 -31.11 -3.41
OAD 22H E . -13.50 -29.50 -9.35
OAE 22H E . -10.18 -23.82 -3.32
OAF 22H E . -16.48 -26.79 -2.87
OAG 22H E . -15.61 -28.92 -9.22
OAH 22H E . -11.30 -28.82 -4.78
OAI 22H E . -13.39 -26.03 -5.46
OAJ 22H E . -8.77 -25.39 -2.00
OAK 22H E . -8.39 -25.14 -4.43
OAO 22H E . -10.41 -26.31 -3.68
OAP 22H E . -13.92 -28.39 -6.53
PAX 22H E . -9.43 -25.14 -3.34
P PO4 F . -28.40 -8.73 -15.49
O1 PO4 F . -27.99 -9.25 -14.11
O2 PO4 F . -29.05 -9.83 -16.31
O3 PO4 F . -29.39 -7.58 -15.36
O4 PO4 F . -27.17 -8.32 -16.28
P PO4 G . 15.29 36.35 1.16
O1 PO4 G . 13.94 35.90 1.67
O2 PO4 G . 16.16 35.14 0.84
O3 PO4 G . 15.18 37.22 -0.09
O4 PO4 G . 15.86 37.22 2.23
CAA 22H H . 9.45 26.77 2.89
CAB 22H H . 10.13 28.90 7.26
CAL 22H H . 11.67 25.02 4.12
CAM 22H H . 15.30 28.46 5.27
CAQ 22H H . 8.86 26.40 4.21
CAR 22H H . 11.05 27.63 9.18
CAS 22H H . 10.67 27.58 7.72
CAT 22H H . 13.84 28.48 5.61
CAU 22H H . 11.11 25.84 5.25
CAV 22H H . 13.25 27.15 5.23
CAW 22H H . 11.81 27.13 5.62
NAN 22H H . 9.68 25.97 5.31
OAC 22H H . 7.64 26.44 4.35
OAD 22H H . 11.54 28.69 9.65
OAE 22H H . 17.53 27.24 3.52
OAF 22H H . 11.02 24.13 3.55
OAG 22H H . 10.88 26.62 9.92
OAH 22H H . 13.21 29.48 4.91
OAI 22H H . 13.93 26.16 5.91
OAJ 22H H . 17.02 28.98 1.89
OAK 22H H . 17.82 29.66 4.15
OAO 22H H . 15.55 28.74 3.94
OAP 22H H . 11.79 27.21 7.00
PAX 22H H . 16.99 28.66 3.38
#